data_9GCZ
#
_entry.id   9GCZ
#
_cell.length_a   59.992
_cell.length_b   48.180
_cell.length_c   135.466
_cell.angle_alpha   90.000
_cell.angle_beta   96.787
_cell.angle_gamma   90.000
#
_symmetry.space_group_name_H-M   'P 1 21 1'
#
loop_
_entity.id
_entity.type
_entity.pdbx_description
1 polymer 'DUF4374 domain-containing protein'
2 non-polymer 'CITRIC ACID'
3 non-polymer 'FE (III) ION'
4 non-polymer "N,N',N''-[(3S,7S,11S)-2,6,10-trioxo-1,5,9-trioxacyclododecane-3,7,11-triyl]tris(2,3-dihydroxybenzamide)"
5 non-polymer 'DIMETHYL SULFOXIDE'
6 non-polymer 'SODIUM ION'
7 non-polymer 'SULFATE ION'
8 water water
#
_entity_poly.entity_id   1
_entity_poly.type   'polypeptide(L)'
_entity_poly.pdbx_seq_one_letter_code
;MGTQSVQKGIAITYLHVTDQIMKNRDVIRGENFLGNGEYVTFAGILEANNKIYTAPIPMGLSVYGSAFEDGKWVKYPELV
KTEDGGSNSSSYEKGELQWTQYPNEAWVAIYNDENFNNPTLIRTDKISYACGRMRSQYYQTIWAADNGDVYVFSPSYAKI
MDADVQKTNLPAGVVRIKAGATDFDSYYCNLEELSGGKSFLRCWHITGDYFLLQMYTGEINSRGTGATRMAVFKATGNGD
KGELYYVDGLPEPDRISSFSGTPFCENGVAYVGVIPITADGETNHPAIYKIDPVTHTATKGLTVNATGITAIGRLAKDSH
STYVVSATVTSANSTANYLLATSTLESGSVTPGNNNGFETATGTAWIFYKDQYLYRLQYNQGNEGVTTAYELNTNGGIAK
RSNEYTITRFTTYGIFGENIISSSAVDATFTDLEHHHHHH
;
_entity_poly.pdbx_strand_id   A,B
#
loop_
_chem_comp.id
_chem_comp.type
_chem_comp.name
_chem_comp.formula
CIT non-polymer 'CITRIC ACID' 'C6 H8 O7'
DMS non-polymer 'DIMETHYL SULFOXIDE' 'C2 H6 O S'
EB4 non-polymer N,N',N''-[(3S,7S,11S)-2,6,10-trioxo-1,5,9-trioxacyclododecane-3,7,11-triyl]tris(2,3-dihydroxybenzamide) 'C30 H27 N3 O15'
FE non-polymer 'FE (III) ION' 'Fe 3'
NA non-polymer 'SODIUM ION' 'Na 1'
SO4 non-polymer 'SULFATE ION' 'O4 S -2'
#
# COMPACT_ATOMS: atom_id res chain seq x y z
N GLN A 4 -18.45 -5.05 -24.73
CA GLN A 4 -18.98 -5.44 -23.42
C GLN A 4 -18.71 -6.91 -23.13
N SER A 5 -18.39 -7.23 -21.89
CA SER A 5 -18.07 -8.60 -21.48
C SER A 5 -18.45 -8.79 -20.02
N VAL A 6 -18.51 -10.04 -19.60
CA VAL A 6 -18.88 -10.40 -18.23
C VAL A 6 -17.62 -10.43 -17.37
N GLN A 7 -17.60 -9.60 -16.33
CA GLN A 7 -16.44 -9.44 -15.46
C GLN A 7 -16.91 -9.61 -14.02
N LYS A 8 -15.94 -9.72 -13.11
CA LYS A 8 -16.29 -9.67 -11.70
C LYS A 8 -16.45 -8.22 -11.24
N GLY A 9 -17.47 -8.00 -10.41
CA GLY A 9 -17.72 -6.70 -9.85
C GLY A 9 -17.99 -6.81 -8.36
N ILE A 10 -18.10 -5.65 -7.73
CA ILE A 10 -18.42 -5.52 -6.32
C ILE A 10 -19.79 -4.88 -6.24
N ALA A 11 -20.79 -5.65 -5.81
CA ALA A 11 -22.15 -5.16 -5.64
C ALA A 11 -22.27 -4.56 -4.24
N ILE A 12 -22.96 -3.43 -4.15
CA ILE A 12 -23.18 -2.75 -2.88
C ILE A 12 -24.67 -2.49 -2.76
N THR A 13 -25.27 -2.97 -1.67
CA THR A 13 -26.67 -2.74 -1.35
C THR A 13 -26.74 -1.84 -0.13
N TYR A 14 -27.56 -0.80 -0.21
CA TYR A 14 -27.85 0.07 0.92
C TYR A 14 -29.25 -0.21 1.44
N LEU A 15 -29.36 -0.46 2.73
CA LEU A 15 -30.65 -0.52 3.41
C LEU A 15 -30.74 0.75 4.25
N HIS A 16 -31.50 1.72 3.76
CA HIS A 16 -31.58 3.05 4.39
C HIS A 16 -32.61 2.99 5.50
N VAL A 17 -32.16 3.11 6.75
CA VAL A 17 -33.01 2.69 7.87
C VAL A 17 -34.15 3.66 8.18
N THR A 18 -34.02 4.93 7.78
CA THR A 18 -35.03 5.91 8.18
C THR A 18 -36.33 5.71 7.41
N ASP A 19 -36.23 5.46 6.11
CA ASP A 19 -37.39 5.33 5.24
C ASP A 19 -37.55 3.94 4.64
N GLN A 20 -36.70 2.98 5.02
CA GLN A 20 -36.75 1.59 4.57
C GLN A 20 -36.50 1.44 3.08
N ILE A 21 -35.87 2.44 2.46
CA ILE A 21 -35.54 2.39 1.05
C ILE A 21 -34.35 1.45 0.84
N MET A 22 -34.41 0.63 -0.21
CA MET A 22 -33.30 -0.23 -0.59
C MET A 22 -32.73 0.24 -1.92
N LYS A 23 -31.41 0.41 -1.98
CA LYS A 23 -30.73 0.87 -3.18
C LYS A 23 -29.67 -0.13 -3.59
N ASN A 24 -29.65 -0.49 -4.87
CA ASN A 24 -28.54 -1.21 -5.49
C ASN A 24 -27.60 -0.19 -6.10
N ARG A 25 -26.38 -0.11 -5.57
CA ARG A 25 -25.41 0.76 -6.19
C ARG A 25 -25.04 0.25 -7.58
N ASP A 26 -24.63 1.16 -8.45
CA ASP A 26 -23.95 0.70 -9.65
C ASP A 26 -22.83 -0.24 -9.23
N VAL A 27 -22.69 -1.36 -9.97
CA VAL A 27 -21.65 -2.33 -9.62
C VAL A 27 -20.28 -1.72 -9.87
N ILE A 28 -19.38 -1.91 -8.93
CA ILE A 28 -18.01 -1.41 -9.03
C ILE A 28 -17.16 -2.46 -9.73
N ARG A 29 -16.31 -2.01 -10.67
CA ARG A 29 -15.40 -2.95 -11.33
C ARG A 29 -14.48 -3.59 -10.30
N GLY A 30 -14.49 -4.92 -10.24
CA GLY A 30 -13.61 -5.64 -9.34
C GLY A 30 -12.39 -6.26 -10.00
N GLU A 31 -12.38 -6.38 -11.33
CA GLU A 31 -11.21 -6.92 -12.02
C GLU A 31 -10.02 -5.98 -11.82
N ASN A 32 -8.89 -6.56 -11.40
CA ASN A 32 -7.66 -5.78 -11.22
C ASN A 32 -7.84 -4.70 -10.15
N PHE A 33 -8.69 -4.96 -9.15
CA PHE A 33 -8.95 -3.95 -8.12
C PHE A 33 -7.67 -3.54 -7.39
N LEU A 34 -6.75 -4.48 -7.16
CA LEU A 34 -5.51 -4.22 -6.44
C LEU A 34 -4.29 -4.08 -7.34
N GLY A 35 -4.48 -4.12 -8.66
CA GLY A 35 -3.37 -3.89 -9.58
C GLY A 35 -2.61 -5.12 -10.01
N ASN A 36 -3.11 -6.32 -9.70
CA ASN A 36 -2.47 -7.55 -10.16
C ASN A 36 -3.45 -8.44 -10.90
N GLY A 37 -4.54 -7.87 -11.43
CA GLY A 37 -5.51 -8.64 -12.17
C GLY A 37 -6.57 -9.34 -11.33
N GLU A 38 -6.28 -9.66 -10.07
CA GLU A 38 -7.24 -10.42 -9.28
C GLU A 38 -8.46 -9.57 -8.94
N TYR A 39 -9.59 -10.24 -8.71
CA TYR A 39 -10.78 -9.54 -8.24
C TYR A 39 -10.90 -9.73 -6.73
N VAL A 40 -11.84 -8.99 -6.12
CA VAL A 40 -11.90 -8.88 -4.66
C VAL A 40 -13.32 -9.05 -4.15
N THR A 41 -13.39 -9.43 -2.88
CA THR A 41 -14.59 -9.41 -2.06
C THR A 41 -14.33 -8.47 -0.91
N PHE A 42 -15.24 -7.53 -0.68
CA PHE A 42 -15.12 -6.65 0.48
C PHE A 42 -15.38 -7.46 1.76
N ALA A 43 -14.61 -7.17 2.81
CA ALA A 43 -14.83 -7.74 4.14
C ALA A 43 -15.03 -6.61 5.13
N GLY A 44 -16.23 -6.51 5.67
CA GLY A 44 -16.61 -5.49 6.61
C GLY A 44 -16.88 -4.14 5.96
N ILE A 45 -17.68 -3.35 6.66
CA ILE A 45 -17.93 -1.95 6.32
C ILE A 45 -17.85 -1.18 7.62
N LEU A 46 -16.74 -0.50 7.85
CA LEU A 46 -16.48 0.19 9.10
C LEU A 46 -16.56 1.69 8.92
N GLU A 47 -17.35 2.35 9.76
CA GLU A 47 -17.38 3.81 9.81
C GLU A 47 -16.52 4.30 10.98
N ALA A 48 -15.58 5.19 10.67
CA ALA A 48 -14.81 5.91 11.67
C ALA A 48 -14.22 7.13 10.99
N ASN A 49 -14.10 8.22 11.74
CA ASN A 49 -13.48 9.44 11.25
C ASN A 49 -14.17 9.96 9.99
N ASN A 50 -15.49 9.70 9.88
CA ASN A 50 -16.28 10.10 8.72
C ASN A 50 -15.77 9.49 7.43
N LYS A 51 -15.12 8.35 7.53
CA LYS A 51 -14.67 7.58 6.38
C LYS A 51 -15.26 6.18 6.45
N ILE A 52 -15.22 5.48 5.33
CA ILE A 52 -15.56 4.06 5.27
C ILE A 52 -14.27 3.28 5.07
N TYR A 53 -14.11 2.20 5.84
CA TYR A 53 -12.99 1.29 5.73
C TYR A 53 -13.52 -0.09 5.40
N THR A 54 -12.91 -0.75 4.42
CA THR A 54 -13.19 -2.13 4.12
C THR A 54 -11.88 -2.80 3.74
N ALA A 55 -11.84 -4.13 3.89
CA ALA A 55 -10.67 -4.90 3.48
C ALA A 55 -11.01 -5.57 2.15
N PRO A 56 -10.37 -5.19 1.04
CA PRO A 56 -10.62 -5.88 -0.23
C PRO A 56 -9.84 -7.19 -0.30
N ILE A 57 -10.56 -8.30 -0.10
CA ILE A 57 -9.96 -9.62 -0.01
C ILE A 57 -9.77 -10.19 -1.41
N PRO A 58 -8.55 -10.47 -1.83
CA PRO A 58 -8.36 -11.05 -3.16
C PRO A 58 -8.99 -12.43 -3.28
N MET A 59 -9.50 -12.71 -4.47
CA MET A 59 -10.21 -13.93 -4.79
C MET A 59 -9.47 -14.81 -5.78
N GLY A 60 -8.34 -14.36 -6.29
CA GLY A 60 -7.72 -15.02 -7.43
C GLY A 60 -8.21 -14.40 -8.72
N LEU A 61 -8.12 -15.17 -9.81
CA LEU A 61 -8.49 -14.70 -11.14
C LEU A 61 -9.82 -15.30 -11.58
N SER A 62 -10.70 -14.44 -12.10
CA SER A 62 -11.89 -14.87 -12.80
C SER A 62 -11.50 -15.42 -14.17
N VAL A 63 -12.48 -15.97 -14.88
CA VAL A 63 -12.24 -16.37 -16.27
C VAL A 63 -11.74 -15.18 -17.08
N TYR A 64 -12.38 -14.02 -16.91
CA TYR A 64 -11.91 -12.80 -17.56
C TYR A 64 -10.49 -12.45 -17.11
N GLY A 65 -10.19 -12.64 -15.82
CA GLY A 65 -8.88 -12.30 -15.32
C GLY A 65 -7.76 -13.15 -15.90
N SER A 66 -8.01 -14.45 -16.10
CA SER A 66 -6.99 -15.32 -16.66
C SER A 66 -6.89 -15.20 -18.18
N ALA A 67 -7.92 -14.68 -18.84
CA ALA A 67 -7.86 -14.42 -20.28
C ALA A 67 -7.20 -13.09 -20.62
N PHE A 68 -7.24 -12.13 -19.70
CA PHE A 68 -6.90 -10.75 -19.99
C PHE A 68 -5.48 -10.61 -20.54
N GLU A 69 -5.36 -9.89 -21.66
CA GLU A 69 -4.09 -9.62 -22.33
C GLU A 69 -3.19 -10.85 -22.34
N ASP A 70 -3.73 -11.91 -22.95
CA ASP A 70 -3.00 -13.15 -23.23
C ASP A 70 -2.51 -13.81 -21.94
N GLY A 71 -3.30 -13.73 -20.86
CA GLY A 71 -2.91 -14.39 -19.62
C GLY A 71 -1.90 -13.66 -18.78
N LYS A 72 -1.77 -12.33 -18.97
CA LYS A 72 -0.76 -11.51 -18.29
C LYS A 72 -0.79 -11.68 -16.77
N TRP A 73 -1.99 -11.84 -16.20
CA TRP A 73 -2.10 -11.83 -14.75
C TRP A 73 -1.81 -13.18 -14.11
N VAL A 74 -1.60 -14.22 -14.91
CA VAL A 74 -1.43 -15.57 -14.39
C VAL A 74 0.04 -15.73 -14.02
N LYS A 75 0.34 -15.60 -12.72
CA LYS A 75 1.66 -15.86 -12.20
C LYS A 75 1.90 -17.36 -11.99
N TYR A 76 0.88 -18.08 -11.50
CA TYR A 76 1.01 -19.51 -11.25
C TYR A 76 0.11 -20.31 -12.17
N PRO A 77 0.49 -20.53 -13.43
CA PRO A 77 -0.40 -21.27 -14.35
C PRO A 77 -0.71 -22.69 -13.90
N GLU A 78 0.12 -23.28 -13.03
CA GLU A 78 -0.19 -24.63 -12.55
C GLU A 78 -1.45 -24.66 -11.71
N LEU A 79 -1.92 -23.51 -11.24
CA LEU A 79 -3.11 -23.46 -10.39
C LEU A 79 -4.39 -23.18 -11.16
N VAL A 80 -4.31 -22.80 -12.43
CA VAL A 80 -5.50 -22.51 -13.23
C VAL A 80 -6.32 -23.79 -13.43
N LYS A 81 -7.64 -23.66 -13.31
CA LYS A 81 -8.53 -24.81 -13.41
C LYS A 81 -8.84 -25.12 -14.88
N THR A 82 -8.90 -26.42 -15.20
CA THR A 82 -9.27 -26.85 -16.55
C THR A 82 -10.67 -27.45 -16.62
N GLU A 83 -11.41 -27.46 -15.51
CA GLU A 83 -12.80 -27.90 -15.53
C GLU A 83 -13.50 -27.30 -14.32
N ASP A 84 -14.82 -27.33 -14.36
CA ASP A 84 -15.60 -26.98 -13.18
C ASP A 84 -15.31 -27.97 -12.06
N GLY A 85 -15.42 -27.48 -10.83
CA GLY A 85 -15.24 -28.34 -9.67
C GLY A 85 -15.54 -27.56 -8.41
N GLY A 86 -15.04 -28.08 -7.28
CA GLY A 86 -15.27 -27.43 -6.02
C GLY A 86 -16.69 -27.66 -5.56
N SER A 87 -17.02 -27.07 -4.40
CA SER A 87 -18.32 -27.30 -3.78
C SER A 87 -18.81 -26.03 -3.10
N ASN A 88 -20.13 -25.86 -3.14
CA ASN A 88 -20.85 -24.82 -2.40
C ASN A 88 -20.30 -23.47 -2.85
N SER A 89 -20.09 -22.52 -1.94
CA SER A 89 -19.61 -21.20 -2.36
C SER A 89 -18.17 -21.23 -2.84
N SER A 90 -17.45 -22.32 -2.61
CA SER A 90 -16.10 -22.50 -3.11
C SER A 90 -16.08 -23.29 -4.42
N SER A 91 -17.21 -23.47 -5.08
CA SER A 91 -17.13 -24.05 -6.41
CA SER A 91 -17.19 -24.02 -6.43
C SER A 91 -16.39 -23.10 -7.34
N TYR A 92 -15.80 -23.68 -8.39
CA TYR A 92 -15.02 -22.90 -9.34
C TYR A 92 -15.35 -23.36 -10.76
N GLU A 93 -14.94 -22.55 -11.73
CA GLU A 93 -15.24 -22.83 -13.12
C GLU A 93 -13.94 -22.94 -13.91
N LYS A 94 -14.03 -23.67 -15.02
CA LYS A 94 -12.92 -23.77 -15.96
C LYS A 94 -12.38 -22.38 -16.27
N GLY A 95 -11.08 -22.22 -16.14
CA GLY A 95 -10.40 -21.00 -16.48
C GLY A 95 -10.13 -20.08 -15.31
N GLU A 96 -10.77 -20.30 -14.17
CA GLU A 96 -10.48 -19.52 -12.98
C GLU A 96 -9.15 -19.94 -12.38
N LEU A 97 -8.55 -19.02 -11.63
CA LEU A 97 -7.50 -19.33 -10.67
C LEU A 97 -8.08 -19.00 -9.30
N GLN A 98 -8.44 -20.03 -8.56
CA GLN A 98 -9.18 -19.83 -7.32
C GLN A 98 -8.25 -19.46 -6.17
N TRP A 99 -8.60 -18.38 -5.46
CA TRP A 99 -7.88 -17.83 -4.31
C TRP A 99 -6.60 -17.09 -4.73
N THR A 100 -6.08 -16.23 -3.86
CA THR A 100 -5.05 -15.28 -4.30
C THR A 100 -3.71 -15.95 -4.58
N GLN A 101 -3.00 -15.40 -5.54
CA GLN A 101 -1.61 -15.76 -5.77
C GLN A 101 -0.67 -14.96 -4.88
N TYR A 102 -1.18 -14.01 -4.10
CA TYR A 102 -0.39 -13.08 -3.31
C TYR A 102 -0.88 -13.08 -1.86
N PRO A 103 -0.66 -14.19 -1.13
CA PRO A 103 -1.20 -14.30 0.24
C PRO A 103 -0.44 -13.49 1.27
N ASN A 104 0.79 -13.06 1.00
CA ASN A 104 1.60 -12.43 2.04
C ASN A 104 1.50 -10.91 2.02
N GLU A 105 0.29 -10.40 1.87
CA GLU A 105 0.04 -8.98 1.97
C GLU A 105 -1.42 -8.76 2.36
N ALA A 106 -1.70 -7.55 2.83
CA ALA A 106 -3.06 -7.14 3.14
C ALA A 106 -3.30 -5.74 2.59
N TRP A 107 -4.54 -5.48 2.21
CA TRP A 107 -4.96 -4.18 1.73
C TRP A 107 -6.12 -3.66 2.58
N VAL A 108 -6.22 -2.34 2.65
CA VAL A 108 -7.38 -1.65 3.19
C VAL A 108 -7.78 -0.60 2.17
N ALA A 109 -9.07 -0.53 1.87
CA ALA A 109 -9.62 0.51 1.02
C ALA A 109 -10.35 1.51 1.89
N ILE A 110 -10.06 2.79 1.68
CA ILE A 110 -10.63 3.87 2.50
C ILE A 110 -11.37 4.83 1.58
N TYR A 111 -12.63 5.11 1.91
CA TYR A 111 -13.49 5.97 1.11
C TYR A 111 -13.93 7.16 1.94
N ASN A 112 -13.93 8.33 1.31
CA ASN A 112 -14.30 9.53 2.05
C ASN A 112 -15.81 9.71 2.22
N ASP A 113 -16.63 8.92 1.53
CA ASP A 113 -18.03 8.84 1.90
C ASP A 113 -18.66 7.57 1.31
N GLU A 114 -19.95 7.39 1.62
CA GLU A 114 -20.67 6.15 1.34
C GLU A 114 -20.99 5.94 -0.12
N ASN A 115 -20.61 6.84 -1.03
CA ASN A 115 -20.83 6.55 -2.44
C ASN A 115 -19.78 5.61 -3.01
N PHE A 116 -18.73 5.28 -2.26
CA PHE A 116 -17.69 4.35 -2.69
C PHE A 116 -17.01 4.81 -3.98
N ASN A 117 -16.64 6.08 -4.00
CA ASN A 117 -15.88 6.65 -5.11
C ASN A 117 -14.43 6.89 -4.68
N ASN A 118 -13.51 6.69 -5.61
CA ASN A 118 -12.13 7.14 -5.45
C ASN A 118 -11.49 6.58 -4.19
N PRO A 119 -11.31 5.27 -4.09
CA PRO A 119 -10.71 4.71 -2.87
C PRO A 119 -9.26 5.13 -2.74
N THR A 120 -8.84 5.32 -1.49
CA THR A 120 -7.42 5.29 -1.14
C THR A 120 -7.09 3.86 -0.74
N LEU A 121 -6.08 3.29 -1.38
CA LEU A 121 -5.72 1.88 -1.17
C LEU A 121 -4.35 1.81 -0.52
N ILE A 122 -4.27 1.08 0.60
CA ILE A 122 -3.00 0.93 1.30
C ILE A 122 -2.69 -0.53 1.53
N ARG A 123 -1.44 -0.87 1.32
CA ARG A 123 -0.90 -2.21 1.26
C ARG A 123 0.11 -2.38 2.39
N THR A 124 0.11 -3.56 3.02
CA THR A 124 1.13 -3.92 4.00
C THR A 124 1.64 -5.33 3.73
N ASP A 125 2.92 -5.54 4.02
CA ASP A 125 3.54 -6.87 4.02
C ASP A 125 3.53 -7.53 5.38
N LYS A 126 3.03 -6.86 6.43
CA LYS A 126 3.20 -7.41 7.75
C LYS A 126 2.15 -8.47 8.10
N ILE A 127 1.01 -8.46 7.42
CA ILE A 127 -0.07 -9.41 7.71
C ILE A 127 -0.65 -9.91 6.38
N SER A 128 -1.34 -11.06 6.46
CA SER A 128 -2.11 -11.54 5.32
C SER A 128 -3.45 -10.81 5.31
N TYR A 129 -4.38 -11.23 4.47
CA TYR A 129 -5.54 -10.39 4.26
C TYR A 129 -6.47 -10.37 5.47
N ALA A 130 -7.17 -9.25 5.62
CA ALA A 130 -7.84 -8.93 6.88
C ALA A 130 -9.32 -9.30 6.79
N CYS A 131 -9.61 -10.59 7.05
CA CYS A 131 -10.99 -11.03 7.21
C CYS A 131 -10.99 -12.39 7.86
N GLY A 132 -12.12 -12.73 8.48
CA GLY A 132 -12.40 -14.09 8.88
C GLY A 132 -13.27 -14.77 7.83
N ARG A 133 -13.32 -16.10 7.88
CA ARG A 133 -14.02 -16.87 6.85
C ARG A 133 -14.89 -17.93 7.52
N MET A 134 -16.13 -18.03 7.04
CA MET A 134 -17.08 -19.01 7.56
C MET A 134 -17.98 -19.37 6.40
N ARG A 135 -17.80 -20.56 5.82
CA ARG A 135 -18.55 -20.95 4.64
C ARG A 135 -18.41 -19.86 3.59
N SER A 136 -19.53 -19.29 3.12
CA SER A 136 -19.46 -18.24 2.10
C SER A 136 -19.07 -16.86 2.63
N GLN A 137 -19.04 -16.68 3.94
CA GLN A 137 -19.10 -15.34 4.52
C GLN A 137 -17.70 -14.82 4.84
N TYR A 138 -17.52 -13.52 4.64
CA TYR A 138 -16.28 -12.80 4.89
C TYR A 138 -16.53 -11.88 6.09
N TYR A 139 -15.96 -12.25 7.24
CA TYR A 139 -16.21 -11.55 8.49
C TYR A 139 -15.30 -10.34 8.66
N GLN A 140 -15.88 -9.23 9.14
CA GLN A 140 -15.12 -8.01 9.38
C GLN A 140 -14.09 -8.21 10.49
N THR A 141 -12.84 -7.84 10.20
CA THR A 141 -11.78 -7.88 11.21
C THR A 141 -11.02 -6.56 11.26
N ILE A 142 -11.67 -5.48 10.84
CA ILE A 142 -11.13 -4.13 10.94
C ILE A 142 -12.10 -3.35 11.82
N TRP A 143 -11.56 -2.70 12.85
CA TRP A 143 -12.38 -2.05 13.87
C TRP A 143 -11.65 -0.84 14.42
N ALA A 144 -12.41 0.10 14.95
CA ALA A 144 -11.86 1.35 15.47
C ALA A 144 -11.89 1.38 16.99
N ALA A 145 -10.78 1.84 17.56
CA ALA A 145 -10.75 2.22 18.97
C ALA A 145 -11.62 3.45 19.19
N ASP A 146 -11.86 3.76 20.47
CA ASP A 146 -12.68 4.94 20.80
C ASP A 146 -12.07 6.22 20.22
N ASN A 147 -10.73 6.30 20.14
CA ASN A 147 -10.11 7.51 19.61
C ASN A 147 -10.06 7.57 18.08
N GLY A 148 -10.66 6.60 17.38
CA GLY A 148 -10.67 6.61 15.94
C GLY A 148 -9.52 5.87 15.27
N ASP A 149 -8.53 5.41 16.02
CA ASP A 149 -7.51 4.58 15.41
C ASP A 149 -8.15 3.28 14.93
N VAL A 150 -7.79 2.86 13.73
CA VAL A 150 -8.38 1.67 13.13
C VAL A 150 -7.35 0.54 13.21
N TYR A 151 -7.76 -0.57 13.82
CA TYR A 151 -6.92 -1.76 13.95
C TYR A 151 -7.33 -2.80 12.92
N VAL A 152 -6.35 -3.26 12.15
CA VAL A 152 -6.57 -4.13 11.01
C VAL A 152 -6.04 -5.50 11.39
N PHE A 153 -6.95 -6.43 11.72
CA PHE A 153 -6.58 -7.75 12.18
C PHE A 153 -6.63 -8.78 11.04
N SER A 154 -5.68 -9.71 11.05
CA SER A 154 -5.71 -10.82 10.10
C SER A 154 -5.53 -12.14 10.85
N PRO A 155 -6.42 -13.12 10.66
CA PRO A 155 -6.18 -14.45 11.22
C PRO A 155 -5.31 -15.33 10.35
N SER A 156 -4.82 -14.82 9.23
CA SER A 156 -4.02 -15.61 8.28
C SER A 156 -4.76 -16.89 7.86
N TYR A 157 -6.03 -16.70 7.47
CA TYR A 157 -6.83 -17.81 6.96
C TYR A 157 -6.10 -18.56 5.85
N ALA A 158 -5.34 -17.85 5.03
CA ALA A 158 -4.73 -18.48 3.86
C ALA A 158 -3.78 -19.61 4.22
N LYS A 159 -3.37 -19.73 5.49
CA LYS A 159 -2.52 -20.84 5.91
C LYS A 159 -3.10 -22.21 5.60
N ILE A 160 -4.43 -22.32 5.44
CA ILE A 160 -5.00 -23.64 5.21
C ILE A 160 -5.22 -23.94 3.73
N MET A 161 -4.78 -23.05 2.83
CA MET A 161 -4.81 -23.34 1.40
C MET A 161 -4.04 -24.61 1.09
N ASP A 162 -4.51 -25.35 0.08
CA ASP A 162 -3.82 -26.59 -0.31
C ASP A 162 -2.47 -26.29 -0.96
N ALA A 163 -2.45 -25.37 -1.92
CA ALA A 163 -1.21 -25.10 -2.66
C ALA A 163 -0.27 -24.25 -1.81
N ASP A 164 0.95 -24.74 -1.63
CA ASP A 164 1.93 -24.04 -0.80
C ASP A 164 2.09 -22.58 -1.22
N VAL A 165 2.07 -22.30 -2.52
CA VAL A 165 2.27 -20.92 -2.95
C VAL A 165 1.07 -20.06 -2.60
N GLN A 166 -0.08 -20.66 -2.30
CA GLN A 166 -1.23 -19.87 -1.88
C GLN A 166 -1.37 -19.77 -0.37
N LYS A 167 -0.56 -20.50 0.39
CA LYS A 167 -0.54 -20.33 1.83
C LYS A 167 0.19 -19.03 2.20
N THR A 168 -0.29 -18.34 3.22
CA THR A 168 0.51 -17.26 3.78
C THR A 168 1.53 -17.83 4.77
N ASN A 169 2.70 -17.19 4.84
CA ASN A 169 3.69 -17.52 5.86
C ASN A 169 3.74 -16.50 6.98
N LEU A 170 2.76 -15.60 7.02
CA LEU A 170 2.66 -14.56 8.04
C LEU A 170 1.78 -15.04 9.18
N PRO A 171 2.20 -14.84 10.43
CA PRO A 171 1.33 -15.20 11.56
C PRO A 171 0.14 -14.27 11.62
N ALA A 172 -0.92 -14.74 12.27
CA ALA A 172 -2.04 -13.86 12.58
C ALA A 172 -1.53 -12.64 13.33
N GLY A 173 -2.05 -11.47 13.00
CA GLY A 173 -1.46 -10.25 13.51
C GLY A 173 -2.34 -9.04 13.25
N VAL A 174 -1.86 -7.88 13.68
CA VAL A 174 -2.63 -6.65 13.67
C VAL A 174 -1.73 -5.51 13.26
N VAL A 175 -2.23 -4.61 12.44
CA VAL A 175 -1.57 -3.33 12.18
C VAL A 175 -2.58 -2.22 12.43
N ARG A 176 -2.14 -0.97 12.21
CA ARG A 176 -2.92 0.18 12.66
C ARG A 176 -2.89 1.31 11.64
N ILE A 177 -4.02 2.01 11.54
CA ILE A 177 -4.16 3.25 10.80
C ILE A 177 -4.61 4.31 11.81
N LYS A 178 -3.75 5.28 12.08
CA LYS A 178 -4.13 6.31 13.05
C LYS A 178 -5.31 7.13 12.53
N ALA A 179 -6.10 7.65 13.48
CA ALA A 179 -7.33 8.35 13.15
C ALA A 179 -7.10 9.46 12.14
N GLY A 180 -7.85 9.41 11.03
CA GLY A 180 -7.70 10.37 9.95
C GLY A 180 -6.60 10.10 8.95
N ALA A 181 -5.65 9.22 9.28
CA ALA A 181 -4.59 8.86 8.37
C ALA A 181 -5.08 7.89 7.30
N THR A 182 -4.36 7.85 6.18
CA THR A 182 -4.57 6.80 5.18
C THR A 182 -3.25 6.14 4.81
N ASP A 183 -2.35 6.04 5.78
CA ASP A 183 -1.16 5.20 5.73
C ASP A 183 -1.17 4.35 6.99
N PHE A 184 -0.56 3.18 6.93
CA PHE A 184 -0.28 2.47 8.17
C PHE A 184 0.81 3.22 8.94
N ASP A 185 0.77 3.12 10.28
CA ASP A 185 1.90 3.62 11.06
C ASP A 185 2.89 2.48 11.24
N SER A 186 3.68 2.49 12.32
CA SER A 186 4.67 1.45 12.56
CA SER A 186 4.67 1.45 12.56
C SER A 186 4.16 0.31 13.43
N TYR A 187 2.97 0.44 13.99
CA TYR A 187 2.45 -0.55 14.92
C TYR A 187 2.35 -1.92 14.27
N TYR A 188 2.75 -2.95 15.00
CA TYR A 188 2.50 -4.32 14.59
C TYR A 188 2.49 -5.22 15.81
N CYS A 189 1.51 -6.11 15.86
CA CYS A 189 1.44 -7.11 16.92
C CYS A 189 1.26 -8.49 16.29
N ASN A 190 2.16 -9.40 16.60
CA ASN A 190 2.04 -10.80 16.23
C ASN A 190 1.10 -11.47 17.24
N LEU A 191 -0.11 -11.81 16.81
CA LEU A 191 -1.10 -12.35 17.73
C LEU A 191 -0.82 -13.80 18.09
N GLU A 192 -0.26 -14.58 17.18
CA GLU A 192 0.07 -15.96 17.49
C GLU A 192 1.09 -16.06 18.61
N GLU A 193 2.01 -15.10 18.71
CA GLU A 193 2.96 -15.11 19.82
C GLU A 193 2.28 -14.81 21.15
N LEU A 194 1.08 -14.24 21.14
CA LEU A 194 0.37 -13.92 22.37
C LEU A 194 -0.74 -14.90 22.71
N SER A 195 -1.14 -15.74 21.75
CA SER A 195 -2.31 -16.59 21.90
C SER A 195 -1.97 -18.06 22.08
N GLY A 196 -0.69 -18.38 22.30
CA GLY A 196 -0.30 -19.77 22.33
C GLY A 196 -0.35 -20.44 20.97
N GLY A 197 -0.15 -19.68 19.90
CA GLY A 197 -0.08 -20.23 18.55
C GLY A 197 -1.41 -20.35 17.84
N LYS A 198 -2.47 -19.74 18.37
CA LYS A 198 -3.82 -19.93 17.87
C LYS A 198 -4.29 -18.70 17.11
N SER A 199 -5.16 -18.93 16.14
CA SER A 199 -5.74 -17.84 15.38
C SER A 199 -7.21 -17.67 15.76
N PHE A 200 -7.97 -16.99 14.90
CA PHE A 200 -9.32 -16.59 15.30
C PHE A 200 -10.24 -16.58 14.10
N LEU A 201 -11.54 -16.66 14.41
CA LEU A 201 -12.61 -16.65 13.42
C LEU A 201 -13.03 -15.24 13.05
N ARG A 202 -13.23 -14.38 14.05
CA ARG A 202 -13.62 -13.00 13.83
C ARG A 202 -13.31 -12.22 15.10
N CYS A 203 -13.59 -10.92 15.06
CA CYS A 203 -13.31 -10.06 16.21
C CYS A 203 -14.21 -8.84 16.14
N TRP A 204 -14.23 -8.10 17.24
CA TRP A 204 -15.06 -6.91 17.38
C TRP A 204 -14.39 -5.96 18.35
N HIS A 205 -14.83 -4.70 18.32
CA HIS A 205 -14.42 -3.71 19.31
C HIS A 205 -15.34 -3.78 20.53
N ILE A 206 -14.75 -3.73 21.72
CA ILE A 206 -15.55 -3.72 22.95
C ILE A 206 -15.72 -2.28 23.43
N THR A 207 -14.60 -1.65 23.77
CA THR A 207 -14.54 -0.30 24.35
C THR A 207 -13.08 0.12 24.39
N GLY A 208 -12.86 1.44 24.39
CA GLY A 208 -11.50 1.97 24.41
C GLY A 208 -10.64 1.35 23.33
N ASP A 209 -9.51 0.73 23.75
CA ASP A 209 -8.64 -0.02 22.84
C ASP A 209 -8.71 -1.52 23.09
N TYR A 210 -9.84 -1.99 23.64
CA TYR A 210 -10.09 -3.40 23.92
C TYR A 210 -10.92 -3.99 22.79
N PHE A 211 -10.49 -5.14 22.30
CA PHE A 211 -11.16 -5.85 21.23
C PHE A 211 -11.42 -7.28 21.71
N LEU A 212 -12.51 -7.85 21.22
CA LEU A 212 -12.88 -9.22 21.53
C LEU A 212 -12.56 -10.10 20.34
N LEU A 213 -11.79 -11.16 20.55
CA LEU A 213 -11.44 -12.09 19.49
C LEU A 213 -12.08 -13.44 19.77
N GLN A 214 -12.79 -13.98 18.79
CA GLN A 214 -13.34 -15.33 18.92
C GLN A 214 -12.30 -16.30 18.39
N MET A 215 -11.61 -17.00 19.31
CA MET A 215 -10.40 -17.74 19.01
C MET A 215 -10.67 -19.19 18.62
N TYR A 216 -9.88 -19.67 17.67
CA TYR A 216 -9.83 -21.08 17.37
C TYR A 216 -9.17 -21.86 18.49
N THR A 217 -9.69 -23.05 18.78
CA THR A 217 -9.06 -23.94 19.77
C THR A 217 -7.98 -24.81 19.15
N GLY A 218 -8.13 -25.15 17.87
CA GLY A 218 -7.09 -25.87 17.16
C GLY A 218 -6.75 -25.15 15.89
N GLU A 219 -6.70 -25.87 14.77
CA GLU A 219 -6.40 -25.25 13.49
C GLU A 219 -7.62 -24.51 12.94
N ILE A 220 -7.33 -23.44 12.19
CA ILE A 220 -8.35 -22.77 11.39
C ILE A 220 -9.02 -23.80 10.47
N ASN A 221 -10.31 -23.60 10.22
CA ASN A 221 -11.00 -24.39 9.20
C ASN A 221 -11.96 -23.49 8.43
N SER A 222 -12.51 -24.06 7.35
CA SER A 222 -13.32 -23.29 6.42
C SER A 222 -14.75 -23.08 6.89
N ARG A 223 -15.15 -23.70 7.99
CA ARG A 223 -16.53 -23.63 8.45
C ARG A 223 -16.67 -22.90 9.77
N GLY A 224 -15.58 -22.40 10.34
CA GLY A 224 -15.66 -21.66 11.57
C GLY A 224 -16.11 -22.50 12.74
N THR A 225 -15.85 -23.80 12.71
CA THR A 225 -16.22 -24.67 13.82
C THR A 225 -15.07 -24.74 14.82
N GLY A 226 -15.42 -24.96 16.08
CA GLY A 226 -14.39 -25.07 17.10
C GLY A 226 -13.74 -23.78 17.50
N ALA A 227 -14.33 -22.65 17.14
CA ALA A 227 -13.82 -21.35 17.57
C ALA A 227 -14.53 -20.99 18.87
N THR A 228 -14.19 -21.75 19.91
CA THR A 228 -15.00 -21.75 21.12
C THR A 228 -14.25 -21.19 22.32
N ARG A 229 -13.25 -20.36 22.10
CA ARG A 229 -12.69 -19.53 23.15
C ARG A 229 -12.87 -18.08 22.76
N MET A 230 -12.91 -17.21 23.77
CA MET A 230 -12.79 -15.77 23.60
C MET A 230 -11.50 -15.27 24.23
N ALA A 231 -10.96 -14.21 23.65
CA ALA A 231 -9.78 -13.55 24.19
C ALA A 231 -9.98 -12.05 24.07
N VAL A 232 -9.40 -11.32 25.01
CA VAL A 232 -9.46 -9.86 25.02
C VAL A 232 -8.10 -9.32 24.61
N PHE A 233 -8.10 -8.44 23.61
CA PHE A 233 -6.89 -7.80 23.10
C PHE A 233 -6.92 -6.33 23.53
N LYS A 234 -5.89 -5.90 24.26
CA LYS A 234 -5.70 -4.49 24.59
C LYS A 234 -4.62 -3.96 23.65
N ALA A 235 -5.04 -3.21 22.63
CA ALA A 235 -4.16 -2.89 21.52
C ALA A 235 -2.92 -2.12 21.95
N THR A 236 -3.08 -1.15 22.85
CA THR A 236 -1.92 -0.34 23.24
C THR A 236 -1.24 -0.87 24.48
N GLY A 237 -1.67 -2.01 25.01
CA GLY A 237 -1.03 -2.59 26.17
C GLY A 237 0.42 -2.96 25.93
N ASN A 238 1.14 -3.09 27.05
CA ASN A 238 2.56 -3.44 27.06
C ASN A 238 3.39 -2.46 26.22
N GLY A 239 3.21 -1.17 26.50
CA GLY A 239 3.98 -0.17 25.79
C GLY A 239 3.72 -0.14 24.30
N ASP A 240 2.45 -0.26 23.90
CA ASP A 240 2.02 -0.21 22.51
C ASP A 240 2.49 -1.42 21.71
N LYS A 241 2.68 -2.55 22.38
CA LYS A 241 3.01 -3.80 21.71
C LYS A 241 1.82 -4.74 21.58
N GLY A 242 0.71 -4.45 22.28
CA GLY A 242 -0.44 -5.34 22.30
C GLY A 242 -0.38 -6.30 23.46
N GLU A 243 -1.54 -6.61 24.05
CA GLU A 243 -1.65 -7.63 25.09
C GLU A 243 -2.90 -8.46 24.84
N LEU A 244 -2.79 -9.76 25.01
CA LEU A 244 -3.91 -10.66 24.77
C LEU A 244 -4.13 -11.55 25.98
N TYR A 245 -5.36 -11.62 26.46
CA TYR A 245 -5.73 -12.54 27.53
C TYR A 245 -6.93 -13.37 27.14
N TYR A 246 -6.80 -14.69 27.27
CA TYR A 246 -7.97 -15.53 27.14
C TYR A 246 -8.97 -15.22 28.24
N VAL A 247 -10.25 -15.29 27.91
CA VAL A 247 -11.29 -14.97 28.87
C VAL A 247 -11.44 -16.14 29.85
N ASP A 248 -11.51 -15.82 31.14
CA ASP A 248 -11.81 -16.79 32.17
C ASP A 248 -13.29 -16.72 32.53
N GLY A 249 -13.89 -17.87 32.83
CA GLY A 249 -15.25 -17.91 33.34
C GLY A 249 -16.31 -18.37 32.36
N LEU A 250 -15.96 -18.48 31.07
CA LEU A 250 -16.85 -19.13 30.12
C LEU A 250 -16.81 -20.64 30.34
N PRO A 251 -17.80 -21.37 29.84
CA PRO A 251 -17.66 -22.83 29.82
C PRO A 251 -16.43 -23.20 29.01
N GLU A 252 -15.78 -24.29 29.40
CA GLU A 252 -14.58 -24.67 28.67
C GLU A 252 -14.97 -25.17 27.27
N PRO A 253 -14.02 -25.19 26.33
CA PRO A 253 -14.39 -25.44 24.92
C PRO A 253 -15.11 -26.75 24.66
N ASP A 254 -14.79 -27.84 25.37
CA ASP A 254 -15.50 -29.06 25.01
C ASP A 254 -16.95 -29.07 25.49
N ARG A 255 -17.42 -27.98 26.09
CA ARG A 255 -18.84 -27.82 26.40
C ARG A 255 -19.57 -26.92 25.40
N ILE A 256 -18.84 -26.19 24.55
CA ILE A 256 -19.44 -25.14 23.73
C ILE A 256 -19.59 -25.65 22.30
N SER A 257 -20.82 -25.57 21.78
CA SER A 257 -21.06 -25.85 20.37
C SER A 257 -20.67 -24.65 19.52
N SER A 258 -21.13 -23.46 19.90
CA SER A 258 -20.83 -22.24 19.16
C SER A 258 -21.12 -21.04 20.04
N PHE A 259 -20.67 -19.88 19.59
CA PHE A 259 -21.09 -18.61 20.17
C PHE A 259 -22.19 -18.00 19.30
N SER A 260 -22.94 -17.07 19.89
CA SER A 260 -24.12 -16.51 19.24
C SER A 260 -23.81 -15.58 18.07
N GLY A 261 -22.55 -15.15 17.91
CA GLY A 261 -22.22 -14.24 16.84
C GLY A 261 -21.84 -12.88 17.39
N THR A 262 -22.45 -11.83 16.85
CA THR A 262 -22.04 -10.47 17.18
C THR A 262 -22.36 -10.16 18.64
N PRO A 263 -21.39 -9.72 19.42
CA PRO A 263 -21.66 -9.38 20.81
C PRO A 263 -22.45 -8.08 20.92
N PHE A 264 -23.06 -7.91 22.08
CA PHE A 264 -23.70 -6.67 22.45
C PHE A 264 -22.81 -5.96 23.46
N CYS A 265 -22.45 -4.71 23.17
CA CYS A 265 -21.51 -3.97 23.98
C CYS A 265 -22.18 -2.75 24.59
N GLU A 266 -22.09 -2.62 25.91
CA GLU A 266 -22.52 -1.42 26.59
C GLU A 266 -21.76 -1.32 27.91
N ASN A 267 -21.64 -0.09 28.39
CA ASN A 267 -21.09 0.18 29.72
C ASN A 267 -19.72 -0.46 29.89
N GLY A 268 -18.94 -0.48 28.81
CA GLY A 268 -17.58 -0.94 28.86
C GLY A 268 -17.40 -2.46 28.84
N VAL A 269 -18.46 -3.24 28.65
CA VAL A 269 -18.36 -4.68 28.66
C VAL A 269 -19.02 -5.24 27.40
N ALA A 270 -18.87 -6.55 27.21
CA ALA A 270 -19.41 -7.27 26.07
C ALA A 270 -20.30 -8.41 26.56
N TYR A 271 -21.43 -8.60 25.90
CA TYR A 271 -22.32 -9.72 26.16
C TYR A 271 -22.32 -10.64 24.94
N VAL A 272 -22.20 -11.94 25.18
CA VAL A 272 -22.22 -12.91 24.09
C VAL A 272 -23.03 -14.13 24.50
N GLY A 273 -23.66 -14.77 23.53
CA GLY A 273 -24.44 -15.96 23.80
C GLY A 273 -23.57 -17.19 23.60
N VAL A 274 -23.77 -18.18 24.46
CA VAL A 274 -23.03 -19.43 24.43
C VAL A 274 -24.01 -20.55 24.23
N ILE A 275 -23.81 -21.33 23.17
CA ILE A 275 -24.69 -22.45 22.84
C ILE A 275 -23.96 -23.73 23.22
N PRO A 276 -24.48 -24.53 24.14
CA PRO A 276 -23.77 -25.74 24.56
C PRO A 276 -23.91 -26.87 23.55
N ILE A 277 -22.96 -27.80 23.63
CA ILE A 277 -23.09 -29.03 22.85
C ILE A 277 -24.29 -29.85 23.33
N THR A 278 -24.47 -29.96 24.64
CA THR A 278 -25.58 -30.71 25.22
C THR A 278 -26.33 -29.77 26.15
N ALA A 279 -27.63 -29.59 25.89
CA ALA A 279 -28.40 -28.61 26.62
C ALA A 279 -29.39 -29.31 27.55
N ASP A 280 -28.90 -30.24 28.36
CA ASP A 280 -29.75 -31.08 29.18
C ASP A 280 -29.76 -30.55 30.60
N GLY A 281 -30.91 -30.06 31.04
CA GLY A 281 -31.00 -29.45 32.36
C GLY A 281 -30.84 -27.95 32.28
N GLU A 282 -31.58 -27.21 33.12
CA GLU A 282 -31.63 -25.76 32.98
C GLU A 282 -30.26 -25.11 33.10
N THR A 283 -29.39 -25.64 33.97
CA THR A 283 -28.07 -25.06 34.14
C THR A 283 -27.18 -25.27 32.92
N ASN A 284 -27.63 -26.05 31.95
CA ASN A 284 -26.88 -26.31 30.73
C ASN A 284 -27.60 -25.79 29.48
N HIS A 285 -28.61 -24.96 29.64
CA HIS A 285 -29.24 -24.34 28.50
C HIS A 285 -28.36 -23.22 27.98
N PRO A 286 -28.56 -22.80 26.73
CA PRO A 286 -27.86 -21.60 26.23
C PRO A 286 -27.99 -20.46 27.21
N ALA A 287 -26.98 -19.61 27.25
CA ALA A 287 -27.00 -18.52 28.20
C ALA A 287 -26.15 -17.38 27.66
N ILE A 288 -26.48 -16.18 28.10
CA ILE A 288 -25.71 -14.99 27.76
C ILE A 288 -24.66 -14.77 28.86
N TYR A 289 -23.42 -14.50 28.46
CA TYR A 289 -22.33 -14.24 29.39
C TYR A 289 -21.85 -12.81 29.22
N LYS A 290 -21.51 -12.18 30.34
CA LYS A 290 -20.93 -10.84 30.34
C LYS A 290 -19.41 -10.98 30.43
N ILE A 291 -18.70 -10.33 29.50
CA ILE A 291 -17.23 -10.35 29.48
C ILE A 291 -16.73 -8.97 29.85
N ASP A 292 -15.96 -8.90 30.94
CA ASP A 292 -15.36 -7.66 31.38
C ASP A 292 -13.96 -7.58 30.80
N PRO A 293 -13.68 -6.65 29.88
CA PRO A 293 -12.37 -6.67 29.21
C PRO A 293 -11.21 -6.32 30.15
N VAL A 294 -11.45 -5.54 31.20
CA VAL A 294 -10.35 -5.12 32.07
C VAL A 294 -9.82 -6.31 32.85
N THR A 295 -10.72 -7.20 33.26
CA THR A 295 -10.36 -8.37 34.05
C THR A 295 -10.33 -9.65 33.23
N HIS A 296 -10.68 -9.55 31.94
CA HIS A 296 -10.88 -10.68 31.03
C HIS A 296 -11.62 -11.82 31.70
N THR A 297 -12.69 -11.48 32.41
CA THR A 297 -13.48 -12.44 33.15
C THR A 297 -14.91 -12.43 32.61
N ALA A 298 -15.51 -13.61 32.50
CA ALA A 298 -16.88 -13.76 32.06
C ALA A 298 -17.75 -14.27 33.20
N THR A 299 -19.01 -13.83 33.23
CA THR A 299 -19.96 -14.27 34.22
C THR A 299 -21.25 -14.68 33.56
N LYS A 300 -21.81 -15.80 34.00
CA LYS A 300 -23.03 -16.32 33.41
C LYS A 300 -24.22 -15.43 33.76
N GLY A 301 -25.04 -15.14 32.76
CA GLY A 301 -26.20 -14.29 32.97
C GLY A 301 -27.51 -14.96 32.60
N LEU A 302 -28.27 -14.29 31.74
CA LEU A 302 -29.60 -14.74 31.33
C LEU A 302 -29.54 -16.11 30.66
N THR A 303 -30.42 -17.02 31.09
CA THR A 303 -30.56 -18.31 30.44
C THR A 303 -31.63 -18.21 29.37
N VAL A 304 -31.37 -18.80 28.22
CA VAL A 304 -32.29 -18.79 27.09
C VAL A 304 -32.76 -20.21 26.91
N ASN A 305 -34.04 -20.47 27.22
CA ASN A 305 -34.65 -21.80 27.09
C ASN A 305 -35.05 -22.03 25.63
N ALA A 306 -34.03 -22.24 24.80
CA ALA A 306 -34.21 -22.50 23.38
C ALA A 306 -33.04 -23.34 22.90
N THR A 307 -32.97 -23.57 21.59
CA THR A 307 -31.87 -24.36 21.06
C THR A 307 -30.63 -23.52 20.83
N GLY A 308 -30.79 -22.31 20.30
CA GLY A 308 -29.65 -21.46 20.01
C GLY A 308 -29.95 -20.00 20.27
N ILE A 309 -28.89 -19.20 20.19
CA ILE A 309 -28.94 -17.75 20.33
C ILE A 309 -28.26 -17.17 19.10
N THR A 310 -28.89 -16.18 18.45
CA THR A 310 -28.34 -15.63 17.22
C THR A 310 -28.17 -14.13 17.22
N ALA A 311 -28.70 -13.40 18.22
CA ALA A 311 -28.48 -11.97 18.29
C ALA A 311 -28.81 -11.47 19.70
N ILE A 312 -28.14 -10.39 20.08
CA ILE A 312 -28.35 -9.73 21.36
C ILE A 312 -28.26 -8.22 21.14
N GLY A 313 -29.27 -7.48 21.59
CA GLY A 313 -29.21 -6.03 21.47
C GLY A 313 -30.32 -5.34 22.22
N ARG A 314 -30.55 -4.08 21.85
CA ARG A 314 -31.53 -3.22 22.51
C ARG A 314 -32.42 -2.56 21.47
N LEU A 315 -33.73 -2.55 21.70
CA LEU A 315 -34.67 -1.80 20.87
C LEU A 315 -35.43 -0.82 21.74
N ALA A 316 -35.62 0.39 21.22
CA ALA A 316 -36.28 1.44 21.98
C ALA A 316 -37.19 2.24 21.06
N LYS A 317 -38.25 2.78 21.63
CA LYS A 317 -39.15 3.67 20.91
C LYS A 317 -39.83 4.54 21.95
N ASP A 318 -39.62 5.85 21.85
CA ASP A 318 -40.11 6.78 22.86
C ASP A 318 -39.66 6.33 24.25
N SER A 319 -40.59 6.16 25.17
CA SER A 319 -40.24 5.77 26.54
C SER A 319 -40.21 4.27 26.76
N HIS A 320 -40.34 3.48 25.70
CA HIS A 320 -40.30 2.02 25.79
C HIS A 320 -38.94 1.53 25.34
N SER A 321 -38.45 0.48 25.99
CA SER A 321 -37.09 0.03 25.73
C SER A 321 -36.88 -1.36 26.31
N THR A 322 -36.28 -2.25 25.54
CA THR A 322 -36.07 -3.61 26.00
C THR A 322 -34.80 -4.16 25.35
N TYR A 323 -34.13 -5.07 26.04
CA TYR A 323 -33.18 -5.94 25.34
C TYR A 323 -33.95 -6.92 24.48
N VAL A 324 -33.35 -7.31 23.36
CA VAL A 324 -33.91 -8.29 22.45
C VAL A 324 -32.88 -9.39 22.26
N VAL A 325 -33.28 -10.62 22.50
CA VAL A 325 -32.46 -11.80 22.24
C VAL A 325 -33.13 -12.60 21.14
N SER A 326 -32.42 -12.78 20.02
CA SER A 326 -32.92 -13.68 18.97
C SER A 326 -32.54 -15.10 19.32
N ALA A 327 -33.54 -15.99 19.32
CA ALA A 327 -33.32 -17.37 19.75
C ALA A 327 -33.98 -18.32 18.76
N THR A 328 -33.29 -19.42 18.47
CA THR A 328 -33.81 -20.43 17.57
C THR A 328 -34.31 -21.63 18.36
N VAL A 329 -35.35 -22.26 17.82
CA VAL A 329 -35.90 -23.49 18.38
C VAL A 329 -35.97 -24.52 17.26
N THR A 330 -35.22 -25.61 17.41
CA THR A 330 -35.20 -26.70 16.44
C THR A 330 -36.05 -27.86 16.94
N SER A 331 -36.95 -28.34 16.08
CA SER A 331 -37.68 -29.57 16.35
C SER A 331 -37.66 -30.40 15.06
N ALA A 332 -38.52 -31.42 15.00
CA ALA A 332 -38.60 -32.27 13.82
C ALA A 332 -39.16 -31.50 12.62
N SER A 334 -38.73 -28.34 11.61
CA SER A 334 -37.63 -27.46 11.22
C SER A 334 -37.31 -26.49 12.34
N THR A 335 -36.79 -25.31 11.99
CA THR A 335 -36.28 -24.35 12.95
C THR A 335 -37.08 -23.05 12.92
N ALA A 336 -37.57 -22.64 14.08
CA ALA A 336 -38.25 -21.37 14.25
C ALA A 336 -37.32 -20.37 14.93
N ASN A 337 -37.58 -19.08 14.70
CA ASN A 337 -36.81 -18.02 15.32
C ASN A 337 -37.75 -17.09 16.09
N TYR A 338 -37.32 -16.67 17.28
CA TYR A 338 -38.11 -15.81 18.15
C TYR A 338 -37.28 -14.63 18.62
N LEU A 339 -37.88 -13.45 18.62
CA LEU A 339 -37.26 -12.26 19.21
C LEU A 339 -37.83 -12.11 20.61
N LEU A 340 -37.02 -12.47 21.61
CA LEU A 340 -37.47 -12.49 23.00
C LEU A 340 -37.11 -11.19 23.70
N ALA A 341 -38.06 -10.64 24.45
CA ALA A 341 -37.85 -9.40 25.17
C ALA A 341 -37.41 -9.67 26.60
N THR A 342 -36.44 -8.90 27.08
CA THR A 342 -35.99 -9.00 28.47
C THR A 342 -35.44 -7.66 28.93
N SER A 343 -35.63 -7.34 30.22
CA SER A 343 -35.01 -6.13 30.74
C SER A 343 -33.63 -6.37 31.32
N THR A 344 -33.14 -7.61 31.30
CA THR A 344 -31.80 -7.89 31.80
C THR A 344 -31.16 -9.01 30.99
N LEU A 345 -29.83 -8.91 30.84
CA LEU A 345 -29.01 -9.94 30.23
C LEU A 345 -28.25 -10.75 31.27
N GLU A 346 -28.45 -10.47 32.56
CA GLU A 346 -27.54 -10.98 33.59
C GLU A 346 -28.18 -11.90 34.61
N SER A 347 -29.46 -12.26 34.47
CA SER A 347 -30.06 -13.23 35.39
C SER A 347 -31.40 -13.65 34.82
N GLY A 348 -32.06 -14.59 35.51
CA GLY A 348 -33.35 -15.08 35.07
C GLY A 348 -33.27 -15.88 33.77
N SER A 349 -34.40 -15.91 33.07
CA SER A 349 -34.50 -16.65 31.83
C SER A 349 -35.54 -16.01 30.91
N VAL A 350 -35.46 -16.40 29.63
CA VAL A 350 -36.49 -16.13 28.65
C VAL A 350 -36.83 -17.44 27.95
N THR A 351 -38.12 -17.60 27.58
CA THR A 351 -38.64 -18.82 26.95
C THR A 351 -39.64 -18.41 25.87
N PRO A 352 -39.50 -18.91 24.64
CA PRO A 352 -40.55 -18.68 23.64
C PRO A 352 -41.88 -19.26 24.11
N GLY A 353 -42.93 -18.45 23.98
CA GLY A 353 -44.26 -18.86 24.44
C GLY A 353 -45.21 -17.68 24.40
N ASN A 354 -46.40 -17.87 24.99
CA ASN A 354 -47.47 -16.89 24.81
C ASN A 354 -47.04 -15.49 25.27
N ASN A 355 -46.28 -15.40 26.36
CA ASN A 355 -45.86 -14.09 26.84
C ASN A 355 -44.51 -13.65 26.30
N ASN A 356 -43.91 -14.43 25.40
CA ASN A 356 -42.69 -14.05 24.70
C ASN A 356 -42.64 -14.84 23.40
N GLY A 357 -43.49 -14.46 22.44
CA GLY A 357 -43.61 -15.29 21.25
C GLY A 357 -43.48 -14.59 19.92
N PHE A 358 -42.69 -13.51 19.81
CA PHE A 358 -42.59 -12.83 18.52
C PHE A 358 -41.73 -13.64 17.57
N GLU A 359 -42.38 -14.33 16.65
CA GLU A 359 -41.72 -15.28 15.76
C GLU A 359 -41.30 -14.59 14.46
N THR A 360 -40.13 -14.95 13.96
CA THR A 360 -39.61 -14.48 12.69
C THR A 360 -39.06 -15.65 11.89
N ALA A 361 -38.73 -15.40 10.63
CA ALA A 361 -37.90 -16.35 9.91
C ALA A 361 -36.48 -16.33 10.49
N THR A 362 -35.77 -17.43 10.31
CA THR A 362 -34.36 -17.47 10.69
C THR A 362 -33.55 -16.51 9.84
N GLY A 363 -32.40 -16.11 10.37
CA GLY A 363 -31.49 -15.23 9.66
C GLY A 363 -30.05 -15.68 9.81
N THR A 364 -29.27 -15.37 8.77
CA THR A 364 -27.85 -15.69 8.75
C THR A 364 -27.03 -14.63 9.48
N ALA A 365 -27.41 -13.36 9.32
CA ALA A 365 -26.76 -12.24 9.99
C ALA A 365 -27.85 -11.38 10.60
N TRP A 366 -27.62 -10.97 11.85
CA TRP A 366 -28.54 -10.09 12.57
C TRP A 366 -27.76 -8.84 12.95
N ILE A 367 -28.28 -7.68 12.56
CA ILE A 367 -27.59 -6.42 12.74
C ILE A 367 -28.53 -5.47 13.48
N PHE A 368 -28.11 -4.98 14.64
CA PHE A 368 -28.82 -3.89 15.29
C PHE A 368 -28.30 -2.56 14.77
N TYR A 369 -29.22 -1.69 14.35
CA TYR A 369 -28.88 -0.30 14.08
C TYR A 369 -29.14 0.48 15.35
N LYS A 370 -28.06 0.90 16.02
CA LYS A 370 -28.10 1.63 17.29
C LYS A 370 -29.06 0.87 18.21
N ASP A 371 -29.99 1.55 18.89
CA ASP A 371 -31.06 0.91 19.62
C ASP A 371 -32.41 1.08 18.91
N GLN A 372 -32.39 1.33 17.61
CA GLN A 372 -33.60 1.67 16.88
C GLN A 372 -34.23 0.52 16.12
N TYR A 373 -33.42 -0.28 15.41
CA TYR A 373 -33.93 -1.33 14.55
C TYR A 373 -33.06 -2.56 14.64
N LEU A 374 -33.67 -3.69 14.32
CA LEU A 374 -32.97 -4.95 14.17
C LEU A 374 -33.18 -5.41 12.74
N TYR A 375 -32.09 -5.63 12.01
CA TYR A 375 -32.17 -6.10 10.64
C TYR A 375 -31.77 -7.56 10.56
N ARG A 376 -32.57 -8.35 9.88
CA ARG A 376 -32.25 -9.73 9.57
C ARG A 376 -31.77 -9.80 8.12
N LEU A 377 -30.60 -10.39 7.90
CA LEU A 377 -30.09 -10.66 6.55
C LEU A 377 -30.03 -12.16 6.37
N GLN A 378 -30.79 -12.68 5.40
CA GLN A 378 -30.85 -14.11 5.16
C GLN A 378 -30.05 -14.46 3.92
N TYR A 379 -29.11 -15.39 4.07
CA TYR A 379 -28.28 -15.85 2.97
C TYR A 379 -28.92 -17.08 2.34
N ASN A 380 -28.96 -17.13 1.00
CA ASN A 380 -29.63 -18.20 0.27
C ASN A 380 -28.73 -18.76 -0.83
N GLN A 381 -27.47 -19.00 -0.47
CA GLN A 381 -26.49 -19.67 -1.35
C GLN A 381 -26.31 -18.82 -2.60
N GLY A 382 -26.47 -19.39 -3.80
CA GLY A 382 -26.30 -18.63 -5.02
C GLY A 382 -27.43 -17.68 -5.34
N ASN A 383 -28.55 -17.80 -4.64
CA ASN A 383 -29.73 -17.00 -4.96
C ASN A 383 -29.72 -15.70 -4.16
N GLU A 384 -30.76 -14.89 -4.36
CA GLU A 384 -30.85 -13.60 -3.69
C GLU A 384 -30.97 -13.73 -2.18
N GLY A 385 -30.33 -12.80 -1.48
CA GLY A 385 -30.58 -12.66 -0.05
C GLY A 385 -31.95 -12.09 0.21
N VAL A 386 -32.36 -12.16 1.47
CA VAL A 386 -33.65 -11.62 1.90
C VAL A 386 -33.42 -10.80 3.16
N THR A 387 -34.14 -9.69 3.29
CA THR A 387 -34.02 -8.89 4.49
C THR A 387 -35.39 -8.47 5.01
N THR A 388 -35.51 -8.55 6.33
CA THR A 388 -36.63 -8.00 7.07
C THR A 388 -36.03 -7.18 8.20
N ALA A 389 -36.86 -6.34 8.81
CA ALA A 389 -36.37 -5.50 9.90
C ALA A 389 -37.46 -5.37 10.96
N TYR A 390 -37.03 -5.05 12.18
CA TYR A 390 -37.87 -5.07 13.36
C TYR A 390 -37.60 -3.82 14.20
N GLU A 391 -38.59 -3.45 15.01
CA GLU A 391 -38.54 -2.27 15.84
C GLU A 391 -39.49 -2.47 17.02
N LEU A 392 -39.44 -1.54 17.96
CA LEU A 392 -40.52 -1.40 18.93
C LEU A 392 -41.60 -0.50 18.35
N ASN A 393 -42.86 -0.89 18.52
CA ASN A 393 -43.95 0.01 18.15
C ASN A 393 -44.20 1.00 19.29
N THR A 394 -45.15 1.92 19.08
CA THR A 394 -45.39 2.96 20.09
C THR A 394 -45.99 2.40 21.37
N ASN A 395 -46.54 1.19 21.33
CA ASN A 395 -46.99 0.50 22.54
C ASN A 395 -45.87 -0.23 23.26
N GLY A 396 -44.66 -0.25 22.68
CA GLY A 396 -43.54 -0.95 23.28
C GLY A 396 -43.44 -2.42 22.94
N GLY A 397 -44.24 -2.91 22.00
CA GLY A 397 -44.11 -4.28 21.55
C GLY A 397 -43.17 -4.39 20.37
N ILE A 398 -42.53 -5.55 20.25
CA ILE A 398 -41.72 -5.83 19.07
C ILE A 398 -42.63 -5.97 17.85
N ALA A 399 -42.19 -5.39 16.73
CA ALA A 399 -42.99 -5.42 15.52
C ALA A 399 -42.08 -5.46 14.30
N LYS A 400 -42.57 -6.11 13.26
CA LYS A 400 -41.87 -6.15 11.99
C LYS A 400 -42.16 -4.88 11.19
N ARG A 401 -41.10 -4.27 10.65
CA ARG A 401 -41.30 -3.22 9.67
C ARG A 401 -41.88 -3.81 8.38
N SER A 402 -42.58 -2.97 7.62
CA SER A 402 -43.41 -3.50 6.55
C SER A 402 -42.61 -4.00 5.35
N ASN A 403 -41.50 -3.35 5.03
CA ASN A 403 -40.82 -3.65 3.77
C ASN A 403 -39.91 -4.86 3.92
N GLU A 404 -40.16 -5.88 3.10
CA GLU A 404 -39.36 -7.10 3.05
C GLU A 404 -38.85 -7.25 1.63
N TYR A 405 -37.53 -7.30 1.47
CA TYR A 405 -36.89 -7.23 0.17
C TYR A 405 -36.07 -8.48 -0.11
N THR A 406 -36.03 -8.90 -1.38
CA THR A 406 -34.88 -9.65 -1.85
C THR A 406 -33.76 -8.66 -2.14
N ILE A 407 -32.53 -9.07 -1.86
CA ILE A 407 -31.37 -8.23 -2.09
C ILE A 407 -30.33 -9.05 -2.82
N THR A 408 -29.39 -8.35 -3.45
CA THR A 408 -28.24 -9.03 -4.03
C THR A 408 -27.62 -9.95 -2.99
N ARG A 409 -27.17 -11.10 -3.46
CA ARG A 409 -26.41 -12.01 -2.61
C ARG A 409 -25.32 -11.25 -1.86
N PHE A 410 -25.19 -11.51 -0.56
CA PHE A 410 -24.18 -10.84 0.26
C PHE A 410 -23.23 -11.85 0.87
N THR A 411 -21.97 -11.42 1.04
CA THR A 411 -20.98 -12.17 1.80
C THR A 411 -20.33 -11.32 2.89
N THR A 412 -20.75 -10.06 3.05
CA THR A 412 -20.29 -9.24 4.15
C THR A 412 -21.30 -8.13 4.38
N TYR A 413 -21.16 -7.44 5.50
CA TYR A 413 -22.07 -6.34 5.80
C TYR A 413 -21.38 -5.41 6.78
N GLY A 414 -21.96 -4.23 6.92
CA GLY A 414 -21.57 -3.30 7.94
C GLY A 414 -22.54 -2.14 7.97
N ILE A 415 -22.10 -1.02 8.53
CA ILE A 415 -22.95 0.16 8.72
C ILE A 415 -22.16 1.42 8.44
N PHE A 416 -22.77 2.35 7.71
CA PHE A 416 -22.29 3.71 7.67
C PHE A 416 -23.49 4.66 7.71
N GLY A 417 -23.43 5.65 8.60
CA GLY A 417 -24.48 6.66 8.62
C GLY A 417 -25.83 6.02 8.87
N GLU A 418 -26.79 6.33 8.00
CA GLU A 418 -28.13 5.80 8.11
C GLU A 418 -28.36 4.55 7.26
N ASN A 419 -27.28 3.87 6.86
CA ASN A 419 -27.39 2.73 5.95
C ASN A 419 -26.78 1.47 6.57
N ILE A 420 -27.54 0.39 6.54
CA ILE A 420 -26.93 -0.93 6.60
C ILE A 420 -26.46 -1.27 5.19
N ILE A 421 -25.21 -1.70 5.07
CA ILE A 421 -24.59 -1.94 3.76
C ILE A 421 -24.16 -3.39 3.69
N SER A 422 -24.46 -4.04 2.56
CA SER A 422 -24.08 -5.43 2.34
C SER A 422 -23.45 -5.54 0.94
N SER A 423 -22.62 -6.56 0.77
CA SER A 423 -21.81 -6.61 -0.45
C SER A 423 -21.45 -8.06 -0.76
N SER A 424 -21.15 -8.31 -2.03
CA SER A 424 -20.47 -9.53 -2.47
C SER A 424 -19.84 -9.29 -3.84
N ALA A 425 -18.99 -10.22 -4.24
CA ALA A 425 -18.45 -10.24 -5.59
C ALA A 425 -19.44 -10.89 -6.56
N VAL A 426 -19.78 -10.18 -7.62
CA VAL A 426 -20.82 -10.62 -8.55
C VAL A 426 -20.25 -10.71 -9.97
N ASP A 427 -20.97 -11.45 -10.82
CA ASP A 427 -20.80 -11.32 -12.25
C ASP A 427 -21.51 -10.06 -12.73
N ALA A 428 -20.85 -9.30 -13.60
CA ALA A 428 -21.47 -8.10 -14.15
C ALA A 428 -20.92 -7.85 -15.54
N THR A 429 -21.71 -7.16 -16.35
CA THR A 429 -21.28 -6.73 -17.67
C THR A 429 -20.85 -5.27 -17.61
N PHE A 430 -19.70 -4.98 -18.20
CA PHE A 430 -19.13 -3.64 -18.24
C PHE A 430 -18.73 -3.32 -19.68
N THR A 431 -18.44 -2.05 -19.92
CA THR A 431 -17.88 -1.63 -21.21
C THR A 431 -16.39 -1.96 -21.30
N GLY B 2 -12.79 29.47 0.74
CA GLY B 2 -12.96 30.35 1.89
C GLY B 2 -11.65 30.94 2.40
N THR B 3 -10.67 30.07 2.62
CA THR B 3 -9.37 30.47 3.16
C THR B 3 -8.26 29.87 2.33
N GLN B 4 -7.09 30.52 2.39
CA GLN B 4 -5.91 30.11 1.66
C GLN B 4 -4.75 29.96 2.62
N SER B 5 -3.78 29.13 2.25
CA SER B 5 -2.60 28.99 3.10
C SER B 5 -1.43 28.50 2.25
N VAL B 6 -0.23 28.78 2.76
CA VAL B 6 1.01 28.35 2.10
C VAL B 6 1.26 26.89 2.49
N GLN B 7 1.40 26.04 1.48
CA GLN B 7 1.58 24.61 1.70
C GLN B 7 2.69 24.09 0.81
N LYS B 8 3.21 22.92 1.15
CA LYS B 8 4.11 22.25 0.25
C LYS B 8 3.35 21.67 -0.93
N GLY B 9 3.96 21.74 -2.11
CA GLY B 9 3.41 21.17 -3.32
C GLY B 9 4.49 20.50 -4.12
N ILE B 10 4.06 19.87 -5.21
CA ILE B 10 4.93 19.15 -6.12
C ILE B 10 4.85 19.90 -7.44
N ALA B 11 5.94 20.56 -7.82
CA ALA B 11 6.01 21.30 -9.06
C ALA B 11 6.51 20.39 -10.17
N ILE B 12 5.82 20.41 -11.31
CA ILE B 12 6.16 19.61 -12.49
C ILE B 12 6.47 20.57 -13.63
N THR B 13 7.67 20.49 -14.18
CA THR B 13 8.06 21.25 -15.36
C THR B 13 8.18 20.30 -16.55
N TYR B 14 7.56 20.65 -17.67
CA TYR B 14 7.71 19.93 -18.93
C TYR B 14 8.63 20.72 -19.86
N LEU B 15 9.62 20.03 -20.42
CA LEU B 15 10.45 20.56 -21.50
C LEU B 15 10.08 19.76 -22.75
N HIS B 16 9.24 20.33 -23.59
CA HIS B 16 8.78 19.64 -24.78
C HIS B 16 9.88 19.72 -25.82
N VAL B 17 10.52 18.58 -26.12
CA VAL B 17 11.78 18.64 -26.85
C VAL B 17 11.58 18.96 -28.33
N THR B 18 10.38 18.76 -28.88
CA THR B 18 10.18 18.96 -30.30
C THR B 18 10.13 20.44 -30.66
N ASP B 19 9.35 21.22 -29.92
CA ASP B 19 9.21 22.64 -30.20
C ASP B 19 9.87 23.53 -29.16
N GLN B 20 10.62 22.92 -28.23
CA GLN B 20 11.38 23.63 -27.18
C GLN B 20 10.50 24.42 -26.22
N ILE B 21 9.22 24.13 -26.11
CA ILE B 21 8.36 24.88 -25.22
C ILE B 21 8.49 24.33 -23.81
N MET B 22 8.66 25.23 -22.85
CA MET B 22 8.67 24.91 -21.42
C MET B 22 7.30 25.24 -20.84
N LYS B 23 6.77 24.32 -20.03
CA LYS B 23 5.47 24.50 -19.39
C LYS B 23 5.57 24.11 -17.92
N ASN B 24 4.99 24.94 -17.06
CA ASN B 24 4.86 24.62 -15.64
C ASN B 24 3.46 24.07 -15.39
N ARG B 25 3.38 22.85 -14.89
CA ARG B 25 2.08 22.31 -14.47
C ARG B 25 1.57 23.09 -13.27
N ASP B 26 0.24 23.12 -13.12
CA ASP B 26 -0.33 23.54 -11.84
C ASP B 26 0.32 22.73 -10.73
N VAL B 27 0.71 23.40 -9.65
CA VAL B 27 1.38 22.70 -8.56
C VAL B 27 0.44 21.68 -7.95
N ILE B 28 0.92 20.45 -7.78
CA ILE B 28 0.14 19.40 -7.14
C ILE B 28 0.23 19.58 -5.63
N ARG B 29 -0.90 19.36 -4.94
CA ARG B 29 -0.87 19.36 -3.48
C ARG B 29 0.06 18.26 -2.97
N GLY B 30 1.05 18.66 -2.18
CA GLY B 30 1.98 17.71 -1.59
C GLY B 30 1.68 17.36 -0.15
N GLU B 31 0.89 18.18 0.54
CA GLU B 31 0.58 17.92 1.94
C GLU B 31 -0.26 16.64 2.05
N ASN B 32 0.17 15.72 2.91
CA ASN B 32 -0.55 14.47 3.14
C ASN B 32 -0.61 13.62 1.88
N PHE B 33 0.42 13.72 1.04
CA PHE B 33 0.44 12.97 -0.22
C PHE B 33 0.30 11.47 0.00
N LEU B 34 0.92 10.95 1.07
CA LEU B 34 0.96 9.52 1.36
C LEU B 34 -0.01 9.11 2.45
N GLY B 35 -0.77 10.06 3.01
CA GLY B 35 -1.79 9.74 4.00
C GLY B 35 -1.36 9.87 5.44
N ASN B 36 -0.18 10.45 5.70
CA ASN B 36 0.27 10.62 7.07
C ASN B 36 0.68 12.06 7.35
N GLY B 37 0.22 12.99 6.52
CA GLY B 37 0.48 14.40 6.68
C GLY B 37 1.79 14.88 6.08
N GLU B 38 2.76 13.98 5.90
CA GLU B 38 4.04 14.38 5.36
C GLU B 38 3.90 14.82 3.91
N TYR B 39 4.82 15.67 3.47
CA TYR B 39 4.89 16.01 2.05
C TYR B 39 6.05 15.25 1.42
N VAL B 40 6.15 15.33 0.08
CA VAL B 40 7.04 14.44 -0.66
C VAL B 40 7.82 15.19 -1.73
N THR B 41 8.93 14.58 -2.12
CA THR B 41 9.73 14.96 -3.27
C THR B 41 9.73 13.79 -4.22
N PHE B 42 9.32 14.01 -5.47
CA PHE B 42 9.41 12.96 -6.48
C PHE B 42 10.86 12.61 -6.77
N ALA B 43 11.14 11.31 -6.89
CA ALA B 43 12.47 10.86 -7.30
C ALA B 43 12.35 10.03 -8.56
N GLY B 44 12.90 10.56 -9.65
CA GLY B 44 12.85 9.89 -10.94
C GLY B 44 11.54 10.11 -11.68
N ILE B 45 11.61 10.10 -13.02
CA ILE B 45 10.43 10.00 -13.86
C ILE B 45 10.73 8.91 -14.87
N LEU B 46 10.11 7.75 -14.68
CA LEU B 46 10.38 6.57 -15.50
C LEU B 46 9.20 6.29 -16.41
N GLU B 47 9.47 6.12 -17.70
CA GLU B 47 8.45 5.69 -18.65
C GLU B 47 8.61 4.19 -18.93
N ALA B 48 7.52 3.44 -18.76
CA ALA B 48 7.47 2.04 -19.10
C ALA B 48 6.00 1.64 -19.16
N ASN B 49 5.67 0.74 -20.08
CA ASN B 49 4.33 0.17 -20.16
C ASN B 49 3.27 1.25 -20.36
N ASN B 50 3.66 2.33 -21.04
CA ASN B 50 2.78 3.48 -21.32
C ASN B 50 2.32 4.15 -20.03
N LYS B 51 3.13 4.08 -18.98
CA LYS B 51 2.82 4.67 -17.69
C LYS B 51 4.04 5.45 -17.20
N ILE B 52 3.82 6.33 -16.22
CA ILE B 52 4.88 7.06 -15.55
C ILE B 52 5.03 6.51 -14.14
N TYR B 53 6.27 6.22 -13.74
CA TYR B 53 6.58 5.77 -12.39
C TYR B 53 7.47 6.80 -11.71
N THR B 54 7.18 7.06 -10.44
CA THR B 54 8.09 7.88 -9.64
C THR B 54 8.01 7.38 -8.21
N ALA B 55 9.08 7.62 -7.46
CA ALA B 55 9.08 7.32 -6.05
C ALA B 55 8.77 8.60 -5.29
N PRO B 56 7.62 8.71 -4.61
CA PRO B 56 7.36 9.88 -3.77
C PRO B 56 8.08 9.76 -2.45
N ILE B 57 9.16 10.53 -2.29
CA ILE B 57 10.06 10.41 -1.15
C ILE B 57 9.57 11.31 -0.03
N PRO B 58 9.26 10.77 1.14
CA PRO B 58 8.73 11.61 2.22
C PRO B 58 9.77 12.58 2.71
N MET B 59 9.31 13.78 3.07
CA MET B 59 10.17 14.87 3.50
C MET B 59 10.01 15.21 4.96
N GLY B 60 9.02 14.62 5.63
CA GLY B 60 8.66 15.03 6.97
C GLY B 60 7.50 15.99 6.90
N LEU B 61 7.38 16.88 7.88
CA LEU B 61 6.27 17.82 7.97
C LEU B 61 6.73 19.24 7.69
N SER B 62 5.98 19.94 6.86
CA SER B 62 6.11 21.38 6.70
C SER B 62 5.56 22.08 7.94
N VAL B 63 5.66 23.41 7.96
CA VAL B 63 5.02 24.15 9.05
C VAL B 63 3.50 23.98 8.99
N TYR B 64 2.94 23.91 7.78
CA TYR B 64 1.52 23.59 7.64
C TYR B 64 1.23 22.19 8.19
N GLY B 65 2.12 21.25 7.90
CA GLY B 65 1.87 19.86 8.28
C GLY B 65 1.92 19.64 9.77
N SER B 66 2.85 20.29 10.46
CA SER B 66 2.90 20.09 11.91
C SER B 66 1.83 20.89 12.64
N ALA B 67 1.20 21.83 11.95
CA ALA B 67 0.10 22.58 12.54
C ALA B 67 -1.24 21.92 12.28
N PHE B 68 -1.35 21.12 11.23
CA PHE B 68 -2.65 20.66 10.74
C PHE B 68 -3.43 19.96 11.83
N GLU B 69 -4.69 20.36 11.99
CA GLU B 69 -5.63 19.79 12.98
C GLU B 69 -4.95 19.55 14.32
N ASP B 70 -4.43 20.64 14.87
CA ASP B 70 -3.83 20.65 16.19
C ASP B 70 -2.69 19.62 16.33
N GLY B 71 -1.86 19.53 15.29
CA GLY B 71 -0.68 18.69 15.39
C GLY B 71 -0.92 17.22 15.21
N LYS B 72 -2.02 16.82 14.58
CA LYS B 72 -2.37 15.40 14.50
C LYS B 72 -1.32 14.58 13.75
N TRP B 73 -0.56 15.18 12.84
CA TRP B 73 0.42 14.43 12.08
C TRP B 73 1.75 14.24 12.82
N VAL B 74 1.96 14.89 13.95
CA VAL B 74 3.25 14.80 14.65
C VAL B 74 3.22 13.53 15.49
N LYS B 75 3.90 12.49 15.02
CA LYS B 75 4.08 11.30 15.84
C LYS B 75 5.25 11.47 16.82
N TYR B 76 6.31 12.16 16.40
CA TYR B 76 7.52 12.36 17.20
C TYR B 76 7.71 13.84 17.51
N PRO B 77 7.00 14.36 18.52
CA PRO B 77 7.12 15.80 18.80
C PRO B 77 8.51 16.22 19.21
N GLU B 78 9.33 15.29 19.70
CA GLU B 78 10.69 15.62 20.08
C GLU B 78 11.55 15.98 18.88
N LEU B 79 11.10 15.67 17.66
CA LEU B 79 11.87 15.98 16.47
C LEU B 79 11.52 17.34 15.87
N VAL B 80 10.40 17.95 16.26
CA VAL B 80 9.97 19.20 15.64
C VAL B 80 10.97 20.31 15.96
N LYS B 81 11.27 21.15 14.97
CA LYS B 81 12.24 22.24 15.14
C LYS B 81 11.60 23.44 15.83
N THR B 82 12.34 24.03 16.76
CA THR B 82 11.90 25.22 17.48
C THR B 82 12.64 26.49 17.04
N GLU B 83 13.52 26.37 16.05
CA GLU B 83 14.18 27.54 15.48
C GLU B 83 14.62 27.20 14.07
N ASP B 84 14.89 28.23 13.29
CA ASP B 84 15.50 28.05 11.98
C ASP B 84 16.89 27.47 12.13
N GLY B 85 17.30 26.67 11.15
CA GLY B 85 18.61 26.05 11.22
C GLY B 85 18.93 25.28 9.96
N GLY B 86 19.95 24.45 10.06
CA GLY B 86 20.37 23.64 8.94
C GLY B 86 21.22 24.43 7.95
N SER B 87 21.62 23.73 6.90
CA SER B 87 22.49 24.33 5.89
C SER B 87 22.09 23.84 4.50
N ASN B 88 22.25 24.74 3.54
CA ASN B 88 22.10 24.44 2.11
C ASN B 88 20.68 23.93 1.88
N SER B 89 20.47 22.92 1.03
CA SER B 89 19.12 22.43 0.78
C SER B 89 18.51 21.75 1.99
N SER B 90 19.30 21.42 3.00
CA SER B 90 18.78 20.85 4.23
C SER B 90 18.53 21.92 5.29
N SER B 91 18.48 23.18 4.89
CA SER B 91 17.99 24.24 5.77
C SER B 91 16.56 23.93 6.20
N TYR B 92 16.24 24.28 7.44
CA TYR B 92 14.89 24.08 7.97
C TYR B 92 14.46 25.34 8.71
N GLU B 93 13.14 25.50 8.85
CA GLU B 93 12.61 26.63 9.59
C GLU B 93 11.82 26.14 10.79
N LYS B 94 11.65 27.03 11.75
CA LYS B 94 10.91 26.72 12.97
C LYS B 94 9.54 26.14 12.62
N GLY B 95 9.18 25.06 13.29
CA GLY B 95 7.90 24.40 13.08
C GLY B 95 7.95 23.19 12.18
N GLU B 96 9.03 23.01 11.41
CA GLU B 96 9.10 21.83 10.56
C GLU B 96 9.50 20.59 11.36
N LEU B 97 9.13 19.43 10.84
CA LEU B 97 9.73 18.16 11.25
C LEU B 97 10.52 17.67 10.05
N GLN B 98 11.84 17.78 10.13
CA GLN B 98 12.68 17.49 8.96
C GLN B 98 12.94 16.00 8.82
N TRP B 99 12.68 15.49 7.61
CA TRP B 99 12.80 14.10 7.17
C TRP B 99 11.68 13.24 7.75
N THR B 100 11.50 12.06 7.16
CA THR B 100 10.30 11.29 7.44
C THR B 100 10.33 10.65 8.82
N GLN B 101 9.15 10.57 9.42
CA GLN B 101 8.90 9.82 10.64
C GLN B 101 8.70 8.33 10.37
N TYR B 102 8.59 7.94 9.11
CA TYR B 102 8.25 6.57 8.71
C TYR B 102 9.29 6.05 7.72
N PRO B 103 10.51 5.78 8.20
CA PRO B 103 11.59 5.37 7.29
C PRO B 103 11.49 3.92 6.81
N ASN B 104 10.66 3.08 7.41
CA ASN B 104 10.69 1.65 7.09
C ASN B 104 9.61 1.25 6.09
N GLU B 105 9.47 2.05 5.04
CA GLU B 105 8.54 1.75 3.98
C GLU B 105 8.98 2.51 2.74
N ALA B 106 8.45 2.09 1.59
CA ALA B 106 8.70 2.73 0.31
C ALA B 106 7.39 2.78 -0.44
N TRP B 107 7.25 3.83 -1.23
CA TRP B 107 6.10 4.04 -2.09
C TRP B 107 6.56 4.20 -3.54
N VAL B 108 5.68 3.80 -4.45
CA VAL B 108 5.79 4.11 -5.87
C VAL B 108 4.46 4.70 -6.31
N ALA B 109 4.51 5.78 -7.07
CA ALA B 109 3.33 6.42 -7.64
C ALA B 109 3.31 6.18 -9.14
N ILE B 110 2.19 5.67 -9.65
CA ILE B 110 2.07 5.27 -11.05
C ILE B 110 0.96 6.10 -11.67
N TYR B 111 1.30 6.81 -12.74
CA TYR B 111 0.35 7.64 -13.48
C TYR B 111 0.12 7.07 -14.87
N ASN B 112 -1.12 7.15 -15.35
CA ASN B 112 -1.45 6.62 -16.67
C ASN B 112 -1.14 7.60 -17.81
N ASP B 113 -0.89 8.88 -17.52
CA ASP B 113 -0.44 9.81 -18.54
C ASP B 113 0.40 10.90 -17.90
N GLU B 114 0.99 11.75 -18.76
CA GLU B 114 1.88 12.81 -18.33
C GLU B 114 1.16 13.99 -17.69
N ASN B 115 -0.17 13.95 -17.57
CA ASN B 115 -0.87 15.01 -16.83
C ASN B 115 -0.72 14.88 -15.32
N PHE B 116 -0.20 13.77 -14.82
CA PHE B 116 0.02 13.57 -13.39
C PHE B 116 -1.27 13.69 -12.58
N ASN B 117 -2.31 13.05 -13.07
CA ASN B 117 -3.59 12.98 -12.38
C ASN B 117 -3.82 11.56 -11.87
N ASN B 118 -4.55 11.46 -10.76
CA ASN B 118 -5.08 10.21 -10.26
C ASN B 118 -3.99 9.16 -10.08
N PRO B 119 -3.01 9.40 -9.22
CA PRO B 119 -1.96 8.39 -9.02
C PRO B 119 -2.52 7.09 -8.45
N THR B 120 -1.95 5.98 -8.87
CA THR B 120 -2.05 4.74 -8.12
C THR B 120 -0.82 4.65 -7.23
N LEU B 121 -1.04 4.48 -5.93
CA LEU B 121 0.03 4.49 -4.93
C LEU B 121 0.20 3.08 -4.38
N ILE B 122 1.43 2.57 -4.39
CA ILE B 122 1.76 1.26 -3.86
C ILE B 122 2.75 1.43 -2.73
N ARG B 123 2.50 0.73 -1.62
CA ARG B 123 3.35 0.79 -0.44
C ARG B 123 3.96 -0.59 -0.16
N THR B 124 5.22 -0.63 0.25
CA THR B 124 5.87 -1.86 0.71
C THR B 124 6.61 -1.64 2.01
N ASP B 125 6.67 -2.68 2.84
CA ASP B 125 7.46 -2.69 4.06
C ASP B 125 8.84 -3.30 3.86
N LYS B 126 9.15 -3.82 2.66
CA LYS B 126 10.36 -4.60 2.49
C LYS B 126 11.62 -3.74 2.34
N ILE B 127 11.45 -2.50 1.87
CA ILE B 127 12.59 -1.60 1.65
C ILE B 127 12.24 -0.22 2.16
N SER B 128 13.27 0.60 2.39
CA SER B 128 13.08 2.02 2.69
C SER B 128 12.87 2.76 1.37
N TYR B 129 12.80 4.09 1.41
CA TYR B 129 12.32 4.80 0.24
C TYR B 129 13.32 4.72 -0.92
N ALA B 130 12.79 4.79 -2.14
CA ALA B 130 13.53 4.42 -3.34
C ALA B 130 14.08 5.67 -4.03
N CYS B 131 15.23 6.15 -3.53
CA CYS B 131 15.97 7.19 -4.23
C CYS B 131 17.40 7.16 -3.74
N GLY B 132 18.28 7.71 -4.55
CA GLY B 132 19.59 8.10 -4.09
C GLY B 132 19.60 9.56 -3.71
N ARG B 133 20.60 9.97 -2.94
CA ARG B 133 20.67 11.33 -2.44
C ARG B 133 22.07 11.89 -2.60
N MET B 134 22.14 13.13 -3.05
CA MET B 134 23.42 13.80 -3.27
C MET B 134 23.13 15.29 -3.18
N ARG B 135 23.57 15.93 -2.10
CA ARG B 135 23.25 17.32 -1.84
C ARG B 135 21.74 17.52 -1.88
N SER B 136 21.26 18.43 -2.73
CA SER B 136 19.83 18.68 -2.86
C SER B 136 19.09 17.66 -3.71
N GLN B 137 19.80 16.78 -4.40
CA GLN B 137 19.22 16.03 -5.51
C GLN B 137 18.71 14.67 -5.08
N TYR B 138 17.63 14.24 -5.72
CA TYR B 138 16.99 12.96 -5.45
C TYR B 138 17.12 12.13 -6.74
N TYR B 139 18.00 11.14 -6.70
CA TYR B 139 18.37 10.36 -7.89
C TYR B 139 17.39 9.21 -8.11
N GLN B 140 17.05 8.99 -9.38
CA GLN B 140 16.15 7.91 -9.76
C GLN B 140 16.79 6.55 -9.49
N THR B 141 16.05 5.68 -8.78
CA THR B 141 16.51 4.33 -8.51
C THR B 141 15.40 3.32 -8.82
N ILE B 142 14.44 3.70 -9.66
CA ILE B 142 13.45 2.80 -10.22
C ILE B 142 13.69 2.73 -11.72
N TRP B 143 13.79 1.51 -12.26
CA TRP B 143 14.18 1.32 -13.65
C TRP B 143 13.49 0.08 -14.18
N ALA B 144 13.26 0.05 -15.48
CA ALA B 144 12.55 -1.05 -16.12
C ALA B 144 13.54 -1.98 -16.80
N ALA B 145 13.35 -3.29 -16.60
CA ALA B 145 14.02 -4.26 -17.45
C ALA B 145 13.41 -4.22 -18.85
N ASP B 146 14.04 -4.96 -19.78
CA ASP B 146 13.60 -4.94 -21.16
C ASP B 146 12.17 -5.46 -21.31
N ASN B 147 11.71 -6.34 -20.40
CA ASN B 147 10.36 -6.88 -20.52
C ASN B 147 9.31 -5.97 -19.90
N GLY B 148 9.71 -4.81 -19.38
CA GLY B 148 8.77 -3.89 -18.76
C GLY B 148 8.57 -4.07 -17.27
N ASP B 149 9.11 -5.13 -16.67
CA ASP B 149 9.12 -5.24 -15.21
C ASP B 149 9.91 -4.06 -14.63
N VAL B 150 9.40 -3.45 -13.58
CA VAL B 150 10.01 -2.27 -12.98
C VAL B 150 10.67 -2.71 -11.68
N TYR B 151 11.96 -2.46 -11.56
CA TYR B 151 12.70 -2.80 -10.36
C TYR B 151 12.88 -1.54 -9.51
N VAL B 152 12.53 -1.66 -8.24
CA VAL B 152 12.49 -0.55 -7.31
C VAL B 152 13.62 -0.75 -6.32
N PHE B 153 14.69 0.03 -6.47
CA PHE B 153 15.88 -0.10 -5.64
C PHE B 153 15.87 0.94 -4.53
N SER B 154 16.30 0.55 -3.33
CA SER B 154 16.52 1.51 -2.26
C SER B 154 17.91 1.33 -1.68
N PRO B 155 18.72 2.40 -1.59
CA PRO B 155 19.98 2.32 -0.86
C PRO B 155 19.86 2.47 0.63
N SER B 156 18.65 2.63 1.15
CA SER B 156 18.44 2.84 2.58
C SER B 156 19.26 4.03 3.09
N TYR B 157 19.16 5.13 2.34
CA TYR B 157 19.86 6.36 2.72
C TYR B 157 19.50 6.79 4.14
N ALA B 158 18.26 6.54 4.57
CA ALA B 158 17.81 6.98 5.90
C ALA B 158 18.65 6.38 7.03
N LYS B 159 19.47 5.36 6.74
CA LYS B 159 20.35 4.80 7.75
C LYS B 159 21.29 5.82 8.37
N ILE B 160 21.54 6.95 7.69
CA ILE B 160 22.47 7.94 8.22
C ILE B 160 21.75 9.09 8.94
N MET B 161 20.42 9.01 9.11
CA MET B 161 19.72 10.02 9.89
C MET B 161 20.27 10.07 11.31
N ASP B 162 20.31 11.28 11.89
CA ASP B 162 20.86 11.43 13.23
C ASP B 162 19.95 10.82 14.29
N ALA B 163 18.66 11.15 14.25
CA ALA B 163 17.74 10.62 15.24
C ALA B 163 17.44 9.16 14.95
N ASP B 164 17.54 8.31 15.98
CA ASP B 164 17.38 6.87 15.80
C ASP B 164 16.03 6.52 15.17
N VAL B 165 14.95 7.19 15.60
CA VAL B 165 13.64 6.85 15.05
C VAL B 165 13.52 7.22 13.58
N GLN B 166 14.39 8.07 13.05
CA GLN B 166 14.34 8.42 11.63
C GLN B 166 15.27 7.58 10.77
N LYS B 167 16.12 6.74 11.38
CA LYS B 167 16.89 5.76 10.62
C LYS B 167 15.98 4.63 10.17
N THR B 168 16.22 4.11 8.96
CA THR B 168 15.61 2.85 8.60
C THR B 168 16.44 1.70 9.17
N ASN B 169 15.76 0.61 9.52
CA ASN B 169 16.44 -0.62 9.91
C ASN B 169 16.40 -1.66 8.81
N LEU B 170 15.97 -1.28 7.62
CA LEU B 170 15.91 -2.14 6.45
C LEU B 170 17.21 -2.04 5.66
N PRO B 171 17.75 -3.17 5.21
CA PRO B 171 18.93 -3.12 4.36
C PRO B 171 18.58 -2.58 2.98
N ALA B 172 19.59 -2.01 2.31
CA ALA B 172 19.43 -1.71 0.89
C ALA B 172 18.91 -2.94 0.16
N GLY B 173 17.95 -2.73 -0.74
CA GLY B 173 17.33 -3.87 -1.39
C GLY B 173 16.50 -3.46 -2.58
N VAL B 174 15.84 -4.46 -3.18
CA VAL B 174 15.10 -4.28 -4.42
C VAL B 174 13.79 -5.03 -4.33
N VAL B 175 12.73 -4.43 -4.86
CA VAL B 175 11.44 -5.09 -5.09
C VAL B 175 11.03 -4.88 -6.54
N ARG B 176 9.91 -5.47 -6.93
CA ARG B 176 9.54 -5.52 -8.35
C ARG B 176 8.06 -5.27 -8.56
N ILE B 177 7.75 -4.55 -9.64
CA ILE B 177 6.39 -4.39 -10.17
C ILE B 177 6.38 -5.00 -11.57
N LYS B 178 5.60 -6.05 -11.77
CA LYS B 178 5.57 -6.70 -13.07
C LYS B 178 4.93 -5.79 -14.12
N ALA B 179 5.36 -5.97 -15.38
CA ALA B 179 4.93 -5.10 -16.46
C ALA B 179 3.41 -5.00 -16.51
N GLY B 180 2.89 -3.78 -16.37
CA GLY B 180 1.47 -3.55 -16.40
C GLY B 180 0.77 -3.61 -15.07
N ALA B 181 1.41 -4.16 -14.04
CA ALA B 181 0.80 -4.25 -12.71
C ALA B 181 0.95 -2.94 -11.95
N THR B 182 0.11 -2.76 -10.93
CA THR B 182 0.26 -1.69 -9.96
C THR B 182 0.20 -2.23 -8.54
N ASP B 183 0.70 -3.46 -8.36
CA ASP B 183 0.97 -4.07 -7.07
C ASP B 183 2.40 -4.58 -7.13
N PHE B 184 3.07 -4.68 -5.99
CA PHE B 184 4.33 -5.41 -5.99
C PHE B 184 4.04 -6.89 -6.10
N ASP B 185 5.02 -7.65 -6.61
CA ASP B 185 4.89 -9.11 -6.53
C ASP B 185 5.61 -9.57 -5.28
N SER B 186 6.12 -10.80 -5.26
CA SER B 186 6.80 -11.30 -4.07
CA SER B 186 6.81 -11.35 -4.10
C SER B 186 8.32 -11.18 -4.16
N TYR B 187 8.85 -10.73 -5.30
CA TYR B 187 10.29 -10.60 -5.46
C TYR B 187 10.88 -9.70 -4.38
N TYR B 188 12.02 -10.12 -3.84
CA TYR B 188 12.77 -9.27 -2.93
C TYR B 188 14.23 -9.70 -2.95
N CYS B 189 15.14 -8.74 -3.06
CA CYS B 189 16.56 -9.02 -2.98
C CYS B 189 17.20 -8.10 -1.95
N ASN B 190 17.85 -8.70 -0.96
CA ASN B 190 18.66 -7.94 -0.01
C ASN B 190 20.03 -7.67 -0.63
N LEU B 191 20.26 -6.40 -1.01
CA LEU B 191 21.52 -6.06 -1.69
C LEU B 191 22.71 -6.11 -0.75
N GLU B 192 22.53 -5.70 0.51
CA GLU B 192 23.65 -5.68 1.44
C GLU B 192 24.21 -7.07 1.70
N GLU B 193 23.36 -8.11 1.63
CA GLU B 193 23.88 -9.46 1.77
C GLU B 193 24.78 -9.84 0.60
N LEU B 194 24.58 -9.21 -0.56
CA LEU B 194 25.35 -9.54 -1.74
C LEU B 194 26.56 -8.64 -1.92
N SER B 195 26.59 -7.49 -1.27
CA SER B 195 27.59 -6.46 -1.53
C SER B 195 28.61 -6.36 -0.42
N GLY B 196 28.56 -7.25 0.56
CA GLY B 196 29.41 -7.11 1.73
C GLY B 196 29.05 -5.92 2.60
N GLY B 197 27.77 -5.62 2.72
CA GLY B 197 27.30 -4.56 3.59
C GLY B 197 27.31 -3.16 3.01
N LYS B 198 27.61 -3.00 1.72
CA LYS B 198 27.74 -1.69 1.10
C LYS B 198 26.44 -1.30 0.38
N SER B 199 26.16 0.00 0.38
CA SER B 199 25.02 0.52 -0.35
C SER B 199 25.51 1.28 -1.59
N PHE B 200 24.64 2.14 -2.13
CA PHE B 200 24.93 2.73 -3.43
C PHE B 200 24.38 4.14 -3.51
N LEU B 201 24.98 4.91 -4.41
CA LEU B 201 24.56 6.29 -4.62
C LEU B 201 23.39 6.40 -5.59
N ARG B 202 23.43 5.64 -6.68
CA ARG B 202 22.40 5.66 -7.71
C ARG B 202 22.61 4.42 -8.58
N CYS B 203 21.67 4.21 -9.51
CA CYS B 203 21.75 3.07 -10.40
C CYS B 203 21.06 3.40 -11.70
N TRP B 204 21.24 2.51 -12.67
CA TRP B 204 20.65 2.65 -13.99
C TRP B 204 20.38 1.27 -14.58
N HIS B 205 19.61 1.26 -15.66
CA HIS B 205 19.39 0.05 -16.43
C HIS B 205 20.42 -0.03 -17.54
N ILE B 206 21.04 -1.21 -17.70
CA ILE B 206 21.98 -1.45 -18.79
C ILE B 206 21.24 -2.08 -19.97
N THR B 207 20.78 -3.30 -19.78
CA THR B 207 20.14 -4.09 -20.82
C THR B 207 19.54 -5.31 -20.14
N GLY B 208 18.55 -5.92 -20.80
CA GLY B 208 17.93 -7.11 -20.24
C GLY B 208 17.47 -6.87 -18.82
N ASP B 209 17.84 -7.78 -17.91
CA ASP B 209 17.61 -7.60 -16.48
C ASP B 209 18.88 -7.20 -15.75
N TYR B 210 19.80 -6.53 -16.45
CA TYR B 210 21.07 -6.08 -15.89
C TYR B 210 20.99 -4.60 -15.55
N PHE B 211 21.41 -4.28 -14.32
CA PHE B 211 21.42 -2.92 -13.81
C PHE B 211 22.83 -2.58 -13.32
N LEU B 212 23.18 -1.31 -13.44
CA LEU B 212 24.47 -0.81 -13.01
C LEU B 212 24.27 0.01 -11.74
N LEU B 213 24.98 -0.37 -10.67
CA LEU B 213 24.90 0.36 -9.41
C LEU B 213 26.22 1.07 -9.14
N GLN B 214 26.14 2.36 -8.83
CA GLN B 214 27.33 3.10 -8.43
C GLN B 214 27.44 2.95 -6.91
N MET B 215 28.35 2.07 -6.47
CA MET B 215 28.42 1.61 -5.10
C MET B 215 29.27 2.54 -4.25
N TYR B 216 28.87 2.67 -2.99
CA TYR B 216 29.70 3.32 -2.00
C TYR B 216 30.85 2.40 -1.59
N THR B 217 32.06 2.95 -1.57
CA THR B 217 33.21 2.22 -1.03
C THR B 217 33.31 2.37 0.47
N GLY B 218 32.96 3.53 0.99
CA GLY B 218 32.83 3.78 2.41
C GLY B 218 31.37 3.75 2.83
N GLU B 219 31.02 4.65 3.75
CA GLU B 219 29.65 4.74 4.23
C GLU B 219 28.84 5.67 3.36
N ILE B 220 27.53 5.44 3.32
CA ILE B 220 26.60 6.40 2.73
C ILE B 220 26.83 7.76 3.35
N ASN B 221 26.73 8.83 2.53
CA ASN B 221 26.84 10.17 3.06
C ASN B 221 25.98 11.12 2.24
N SER B 222 25.79 12.33 2.78
CA SER B 222 24.88 13.30 2.19
C SER B 222 25.42 13.92 0.91
N ARG B 223 26.70 13.78 0.61
CA ARG B 223 27.28 14.43 -0.56
C ARG B 223 27.59 13.46 -1.70
N GLY B 224 27.32 12.17 -1.52
CA GLY B 224 27.60 11.22 -2.57
C GLY B 224 29.07 11.11 -2.92
N THR B 225 29.96 11.32 -1.96
CA THR B 225 31.38 11.14 -2.15
C THR B 225 31.80 9.72 -1.80
N GLY B 226 32.89 9.28 -2.41
CA GLY B 226 33.38 7.94 -2.12
C GLY B 226 32.55 6.84 -2.74
N ALA B 227 31.74 7.17 -3.75
CA ALA B 227 30.96 6.17 -4.46
C ALA B 227 31.76 5.77 -5.71
N THR B 228 32.87 5.07 -5.46
CA THR B 228 33.88 4.90 -6.49
C THR B 228 34.06 3.43 -6.91
N ARG B 229 33.04 2.60 -6.69
CA ARG B 229 32.98 1.27 -7.29
C ARG B 229 31.69 1.17 -8.10
N MET B 230 31.70 0.26 -9.09
CA MET B 230 30.53 -0.10 -9.86
C MET B 230 30.20 -1.56 -9.64
N ALA B 231 28.92 -1.88 -9.72
CA ALA B 231 28.47 -3.26 -9.58
C ALA B 231 27.36 -3.51 -10.57
N VAL B 232 27.33 -4.73 -11.11
CA VAL B 232 26.29 -5.16 -12.03
C VAL B 232 25.32 -6.07 -11.28
N PHE B 233 24.04 -5.73 -11.34
CA PHE B 233 22.98 -6.49 -10.70
C PHE B 233 22.20 -7.21 -11.77
N LYS B 234 22.16 -8.54 -11.70
CA LYS B 234 21.35 -9.37 -12.59
C LYS B 234 20.09 -9.72 -11.80
N ALA B 235 18.99 -9.04 -12.12
CA ALA B 235 17.81 -9.06 -11.25
C ALA B 235 17.22 -10.45 -11.10
N THR B 236 17.14 -11.22 -12.19
CA THR B 236 16.52 -12.54 -12.11
C THR B 236 17.55 -13.64 -11.88
N GLY B 237 18.81 -13.29 -11.65
CA GLY B 237 19.83 -14.31 -11.47
C GLY B 237 19.62 -15.15 -10.23
N ASN B 238 20.27 -16.31 -10.21
CA ASN B 238 20.21 -17.23 -9.09
C ASN B 238 18.76 -17.60 -8.75
N GLY B 239 18.03 -18.07 -9.77
CA GLY B 239 16.66 -18.48 -9.55
C GLY B 239 15.75 -17.35 -9.09
N ASP B 240 15.92 -16.16 -9.67
CA ASP B 240 15.07 -14.99 -9.38
C ASP B 240 15.29 -14.47 -7.96
N LYS B 241 16.49 -14.65 -7.41
CA LYS B 241 16.85 -14.09 -6.11
C LYS B 241 17.77 -12.88 -6.21
N GLY B 242 18.30 -12.60 -7.41
CA GLY B 242 19.22 -11.51 -7.61
C GLY B 242 20.67 -11.95 -7.48
N GLU B 243 21.54 -11.42 -8.34
CA GLU B 243 22.97 -11.67 -8.28
C GLU B 243 23.70 -10.34 -8.46
N LEU B 244 24.74 -10.11 -7.66
CA LEU B 244 25.49 -8.87 -7.73
C LEU B 244 26.97 -9.16 -7.89
N TYR B 245 27.59 -8.51 -8.87
CA TYR B 245 29.02 -8.67 -9.14
C TYR B 245 29.69 -7.30 -9.19
N TYR B 246 30.70 -7.11 -8.36
CA TYR B 246 31.52 -5.91 -8.51
C TYR B 246 32.26 -5.96 -9.84
N VAL B 247 32.34 -4.81 -10.50
CA VAL B 247 33.03 -4.72 -11.79
C VAL B 247 34.53 -4.80 -11.56
N ASP B 248 35.19 -5.60 -12.39
CA ASP B 248 36.64 -5.69 -12.39
C ASP B 248 37.17 -4.92 -13.59
N GLY B 249 38.39 -4.39 -13.46
CA GLY B 249 39.03 -3.66 -14.53
C GLY B 249 38.95 -2.15 -14.39
N LEU B 250 38.22 -1.63 -13.41
CA LEU B 250 38.24 -0.21 -13.14
C LEU B 250 39.47 0.14 -12.30
N PRO B 251 39.89 1.41 -12.33
CA PRO B 251 40.97 1.81 -11.42
C PRO B 251 40.58 1.54 -9.98
N GLU B 252 41.60 1.47 -9.13
CA GLU B 252 41.35 1.24 -7.72
C GLU B 252 40.47 2.36 -7.17
N PRO B 253 39.51 2.04 -6.29
CA PRO B 253 38.54 3.07 -5.86
C PRO B 253 39.16 4.31 -5.27
N ASP B 254 40.20 4.20 -4.45
CA ASP B 254 40.80 5.40 -3.87
C ASP B 254 41.65 6.17 -4.87
N ARG B 255 41.85 5.63 -6.08
CA ARG B 255 42.51 6.34 -7.17
C ARG B 255 41.52 7.14 -8.02
N ILE B 256 40.22 7.01 -7.77
CA ILE B 256 39.19 7.65 -8.55
C ILE B 256 38.63 8.80 -7.74
N SER B 257 38.67 10.02 -8.29
CA SER B 257 38.01 11.12 -7.60
C SER B 257 36.50 11.06 -7.78
N SER B 258 36.02 10.66 -8.97
CA SER B 258 34.59 10.56 -9.22
C SER B 258 34.33 9.84 -10.54
N PHE B 259 33.10 9.41 -10.73
CA PHE B 259 32.58 8.97 -12.01
C PHE B 259 31.84 10.12 -12.68
N SER B 260 31.61 9.98 -13.99
CA SER B 260 31.09 11.09 -14.78
C SER B 260 29.59 11.32 -14.65
N GLY B 261 28.87 10.45 -13.95
CA GLY B 261 27.43 10.62 -13.83
C GLY B 261 26.66 9.60 -14.64
N THR B 262 25.69 10.06 -15.43
CA THR B 262 24.83 9.14 -16.14
C THR B 262 25.63 8.38 -17.20
N PRO B 263 25.58 7.04 -17.19
CA PRO B 263 26.28 6.27 -18.21
C PRO B 263 25.59 6.38 -19.57
N PHE B 264 26.31 5.94 -20.58
CA PHE B 264 25.77 5.77 -21.92
C PHE B 264 25.72 4.28 -22.23
N CYS B 265 24.54 3.79 -22.58
CA CYS B 265 24.33 2.36 -22.79
C CYS B 265 23.97 2.11 -24.25
N GLU B 266 24.65 1.12 -24.86
CA GLU B 266 24.30 0.68 -26.20
C GLU B 266 24.91 -0.69 -26.40
N ASN B 267 24.31 -1.44 -27.33
CA ASN B 267 24.81 -2.76 -27.72
C ASN B 267 25.05 -3.65 -26.52
N GLY B 268 24.20 -3.50 -25.50
CA GLY B 268 24.26 -4.36 -24.33
C GLY B 268 25.32 -4.05 -23.31
N VAL B 269 26.05 -2.95 -23.46
CA VAL B 269 27.11 -2.59 -22.52
C VAL B 269 26.87 -1.17 -22.03
N ALA B 270 27.63 -0.79 -21.02
CA ALA B 270 27.56 0.54 -20.44
C ALA B 270 28.91 1.24 -20.51
N TYR B 271 28.89 2.53 -20.80
CA TYR B 271 30.09 3.36 -20.83
C TYR B 271 29.99 4.42 -19.74
N VAL B 272 31.06 4.61 -18.97
CA VAL B 272 31.06 5.60 -17.91
C VAL B 272 32.43 6.28 -17.87
N GLY B 273 32.43 7.56 -17.51
CA GLY B 273 33.68 8.31 -17.40
C GLY B 273 34.29 8.16 -16.02
N VAL B 274 35.61 7.97 -15.98
CA VAL B 274 36.35 7.79 -14.74
C VAL B 274 37.35 8.93 -14.61
N ILE B 275 37.23 9.70 -13.53
CA ILE B 275 38.08 10.86 -13.30
C ILE B 275 39.10 10.49 -12.22
N PRO B 276 40.38 10.38 -12.54
CA PRO B 276 41.36 9.93 -11.55
C PRO B 276 41.70 11.01 -10.55
N ILE B 277 42.29 10.57 -9.44
CA ILE B 277 42.95 11.47 -8.49
C ILE B 277 44.26 11.94 -9.13
N THR B 278 44.32 13.22 -9.48
CA THR B 278 45.59 13.80 -9.94
C THR B 278 45.88 15.07 -9.14
N ASN B 284 47.99 11.20 -15.88
CA ASN B 284 46.87 10.25 -15.87
C ASN B 284 45.55 11.00 -16.03
N HIS B 285 44.95 10.85 -17.20
CA HIS B 285 43.81 11.64 -17.63
C HIS B 285 42.51 10.90 -17.39
N PRO B 286 41.40 11.64 -17.30
CA PRO B 286 40.08 10.99 -17.36
C PRO B 286 39.95 10.12 -18.59
N ALA B 287 39.16 9.06 -18.47
CA ALA B 287 38.97 8.16 -19.60
C ALA B 287 37.60 7.49 -19.49
N ILE B 288 37.07 7.08 -20.63
CA ILE B 288 35.81 6.35 -20.68
C ILE B 288 36.11 4.87 -20.56
N TYR B 289 35.37 4.18 -19.70
CA TYR B 289 35.48 2.74 -19.56
C TYR B 289 34.21 2.07 -20.06
N LYS B 290 34.39 0.92 -20.70
CA LYS B 290 33.29 0.08 -21.15
C LYS B 290 33.05 -1.02 -20.11
N ILE B 291 31.81 -1.15 -19.65
CA ILE B 291 31.45 -2.16 -18.68
C ILE B 291 30.57 -3.19 -19.38
N ASP B 292 31.04 -4.43 -19.42
CA ASP B 292 30.30 -5.54 -19.98
C ASP B 292 29.52 -6.18 -18.84
N PRO B 293 28.18 -6.12 -18.83
CA PRO B 293 27.43 -6.67 -17.69
C PRO B 293 27.50 -8.18 -17.59
N VAL B 294 27.69 -8.89 -18.71
CA VAL B 294 27.74 -10.35 -18.66
C VAL B 294 28.98 -10.82 -17.91
N THR B 295 30.12 -10.19 -18.16
CA THR B 295 31.37 -10.59 -17.53
C THR B 295 31.74 -9.71 -16.35
N HIS B 296 30.91 -8.71 -16.04
CA HIS B 296 31.21 -7.67 -15.05
C HIS B 296 32.67 -7.22 -15.12
N THR B 297 33.11 -6.93 -16.34
CA THR B 297 34.48 -6.52 -16.62
C THR B 297 34.46 -5.15 -17.29
N ALA B 298 35.37 -4.27 -16.88
CA ALA B 298 35.53 -2.96 -17.49
C ALA B 298 36.83 -2.90 -18.28
N THR B 299 36.82 -2.12 -19.36
CA THR B 299 37.96 -1.92 -20.24
C THR B 299 38.17 -0.44 -20.49
N LYS B 300 39.41 0.03 -20.33
CA LYS B 300 39.72 1.44 -20.54
C LYS B 300 39.66 1.80 -22.02
N GLY B 301 39.01 2.93 -22.33
CA GLY B 301 38.87 3.34 -23.70
C GLY B 301 39.38 4.74 -24.01
N LEU B 302 38.47 5.59 -24.47
CA LEU B 302 38.82 6.93 -24.91
C LEU B 302 39.39 7.76 -23.77
N THR B 303 40.55 8.37 -24.00
CA THR B 303 41.15 9.30 -23.04
C THR B 303 40.61 10.70 -23.29
N VAL B 304 40.23 11.40 -22.23
CA VAL B 304 39.73 12.76 -22.31
C VAL B 304 40.76 13.66 -21.65
N ASN B 305 41.49 14.43 -22.47
CA ASN B 305 42.54 15.32 -21.96
C ASN B 305 41.89 16.58 -21.38
N ALA B 306 41.32 16.44 -20.19
CA ALA B 306 40.65 17.56 -19.54
C ALA B 306 40.59 17.30 -18.04
N THR B 307 39.94 18.22 -17.32
CA THR B 307 39.82 18.11 -15.87
C THR B 307 38.82 17.03 -15.49
N GLY B 308 37.66 17.00 -16.15
CA GLY B 308 36.64 16.03 -15.82
C GLY B 308 35.80 15.67 -17.03
N ILE B 309 34.97 14.65 -16.83
CA ILE B 309 33.97 14.20 -17.79
C ILE B 309 32.61 14.32 -17.11
N THR B 310 31.62 14.89 -17.80
CA THR B 310 30.33 15.09 -17.14
C THR B 310 29.14 14.50 -17.89
N ALA B 311 29.33 13.93 -19.08
CA ALA B 311 28.22 13.37 -19.84
C ALA B 311 28.76 12.60 -21.04
N ILE B 312 28.03 11.56 -21.45
CA ILE B 312 28.38 10.71 -22.58
C ILE B 312 27.10 10.33 -23.30
N GLY B 313 27.07 10.52 -24.61
CA GLY B 313 25.93 10.07 -25.38
C GLY B 313 26.17 10.20 -26.86
N ARG B 314 25.07 10.13 -27.62
CA ARG B 314 25.11 10.16 -29.07
C ARG B 314 24.14 11.23 -29.55
N LEU B 315 24.56 12.02 -30.54
CA LEU B 315 23.69 12.98 -31.21
C LEU B 315 23.69 12.69 -32.71
N ALA B 316 22.52 12.82 -33.33
CA ALA B 316 22.34 12.48 -34.74
C ALA B 316 21.41 13.49 -35.39
N LYS B 317 21.63 13.71 -36.69
CA LYS B 317 20.74 14.54 -37.50
C LYS B 317 20.91 14.10 -38.94
N ASP B 318 19.82 13.72 -39.60
CA ASP B 318 19.88 13.20 -40.97
C ASP B 318 20.87 12.03 -41.04
N SER B 319 21.90 12.14 -41.88
CA SER B 319 22.88 11.08 -42.03
C SER B 319 24.22 11.43 -41.38
N HIS B 320 24.20 12.29 -40.37
CA HIS B 320 25.36 12.55 -39.54
C HIS B 320 25.05 12.09 -38.11
N SER B 321 26.09 11.63 -37.42
CA SER B 321 25.95 11.27 -36.02
C SER B 321 27.34 11.14 -35.42
N THR B 322 27.42 11.37 -34.11
CA THR B 322 28.69 11.31 -33.41
C THR B 322 28.41 11.05 -31.94
N TYR B 323 29.38 10.45 -31.25
CA TYR B 323 29.33 10.50 -29.81
C TYR B 323 29.65 11.91 -29.35
N VAL B 324 29.04 12.28 -28.22
CA VAL B 324 29.29 13.56 -27.58
C VAL B 324 29.79 13.25 -26.18
N VAL B 325 30.97 13.76 -25.85
CA VAL B 325 31.51 13.65 -24.49
C VAL B 325 31.64 15.06 -23.95
N SER B 326 30.95 15.32 -22.83
CA SER B 326 31.01 16.62 -22.19
C SER B 326 32.19 16.63 -21.22
N ALA B 327 33.07 17.62 -21.37
CA ALA B 327 34.30 17.65 -20.59
C ALA B 327 34.48 19.03 -19.98
N THR B 328 35.05 19.08 -18.79
CA THR B 328 35.33 20.33 -18.11
C THR B 328 36.84 20.58 -18.08
N VAL B 329 37.23 21.85 -18.19
CA VAL B 329 38.63 22.27 -18.09
C VAL B 329 38.70 23.37 -17.04
N THR B 330 39.44 23.10 -15.95
CA THR B 330 39.67 24.11 -14.93
C THR B 330 40.88 24.95 -15.31
N SER B 331 40.66 26.24 -15.55
CA SER B 331 41.71 27.22 -15.80
C SER B 331 41.94 28.06 -14.53
N ALA B 332 42.91 28.97 -14.61
CA ALA B 332 43.30 29.72 -13.42
C ALA B 332 42.14 30.51 -12.83
N ASN B 333 41.29 31.08 -13.69
CA ASN B 333 40.24 32.00 -13.25
C ASN B 333 38.84 31.43 -13.31
N SER B 334 38.62 30.32 -14.02
CA SER B 334 37.27 29.82 -14.24
C SER B 334 37.36 28.39 -14.74
N THR B 335 36.20 27.74 -14.83
CA THR B 335 36.09 26.39 -15.38
C THR B 335 35.13 26.41 -16.55
N ALA B 336 35.58 25.88 -17.69
CA ALA B 336 34.79 25.83 -18.90
C ALA B 336 34.32 24.41 -19.17
N ASN B 337 33.24 24.29 -19.94
CA ASN B 337 32.72 23.01 -20.40
C ASN B 337 32.83 22.95 -21.92
N TYR B 338 33.12 21.75 -22.44
CA TYR B 338 33.21 21.53 -23.87
C TYR B 338 32.44 20.26 -24.24
N LEU B 339 31.66 20.34 -25.32
CA LEU B 339 31.04 19.17 -25.92
C LEU B 339 31.94 18.67 -27.03
N LEU B 340 32.57 17.52 -26.83
CA LEU B 340 33.57 16.98 -27.74
C LEU B 340 32.95 15.88 -28.60
N ALA B 341 33.21 15.94 -29.90
CA ALA B 341 32.71 14.93 -30.82
C ALA B 341 33.75 13.83 -31.04
N THR B 342 33.31 12.59 -31.02
CA THR B 342 34.19 11.47 -31.31
C THR B 342 33.36 10.35 -31.93
N SER B 343 33.98 9.60 -32.82
CA SER B 343 33.30 8.44 -33.40
C SER B 343 33.55 7.15 -32.62
N THR B 344 34.33 7.21 -31.53
CA THR B 344 34.58 6.04 -30.71
C THR B 344 34.75 6.45 -29.25
N LEU B 345 34.24 5.60 -28.35
CA LEU B 345 34.47 5.73 -26.92
C LEU B 345 35.55 4.79 -26.42
N GLU B 346 36.17 4.00 -27.30
CA GLU B 346 37.01 2.89 -26.86
C GLU B 346 38.50 3.05 -27.17
N SER B 347 38.94 4.11 -27.80
CA SER B 347 40.38 4.32 -28.00
C SER B 347 40.64 5.78 -28.34
N GLY B 348 41.93 6.10 -28.50
CA GLY B 348 42.33 7.42 -28.90
C GLY B 348 42.11 8.43 -27.78
N SER B 349 42.03 9.69 -28.17
CA SER B 349 41.81 10.76 -27.21
C SER B 349 41.06 11.91 -27.87
N VAL B 350 40.45 12.74 -27.03
CA VAL B 350 39.87 14.01 -27.44
C VAL B 350 40.43 15.09 -26.51
N THR B 351 40.59 16.30 -27.07
CA THR B 351 41.18 17.41 -26.34
C THR B 351 40.43 18.68 -26.70
N PRO B 352 39.92 19.42 -25.71
CA PRO B 352 39.32 20.73 -26.00
C PRO B 352 40.33 21.72 -26.59
N GLY B 357 36.72 21.74 -29.38
CA GLY B 357 35.39 21.41 -28.90
C GLY B 357 34.40 22.57 -28.80
N PHE B 358 33.12 22.24 -28.64
CA PHE B 358 32.05 23.24 -28.59
C PHE B 358 31.89 23.68 -27.13
N GLU B 359 32.24 24.93 -26.85
CA GLU B 359 32.28 25.41 -25.48
C GLU B 359 30.90 25.77 -24.97
N THR B 360 30.64 25.42 -23.72
CA THR B 360 29.43 25.78 -22.99
C THR B 360 29.81 26.10 -21.55
N ALA B 361 28.89 26.70 -20.82
CA ALA B 361 29.04 26.74 -19.38
C ALA B 361 28.79 25.34 -18.81
N THR B 362 29.38 25.10 -17.65
CA THR B 362 29.19 23.83 -16.96
C THR B 362 27.72 23.65 -16.58
N GLY B 363 27.32 22.40 -16.38
CA GLY B 363 25.97 22.10 -15.97
C GLY B 363 25.94 21.09 -14.83
N THR B 364 24.94 21.26 -13.96
CA THR B 364 24.75 20.32 -12.85
C THR B 364 24.50 18.91 -13.35
N ALA B 365 23.62 18.78 -14.33
CA ALA B 365 23.21 17.48 -14.85
C ALA B 365 23.03 17.59 -16.37
N TRP B 366 23.16 16.45 -17.04
CA TRP B 366 23.11 16.40 -18.49
C TRP B 366 22.23 15.23 -18.90
N ILE B 367 21.27 15.49 -19.79
CA ILE B 367 20.29 14.51 -20.21
C ILE B 367 20.30 14.40 -21.72
N PHE B 368 20.58 13.21 -22.25
CA PHE B 368 20.37 12.94 -23.66
C PHE B 368 18.94 12.47 -23.87
N TYR B 369 18.21 13.16 -24.74
CA TYR B 369 16.93 12.67 -25.24
C TYR B 369 17.23 11.80 -26.47
N LYS B 370 17.12 10.48 -26.30
CA LYS B 370 17.41 9.49 -27.33
C LYS B 370 18.76 9.86 -27.93
N ASP B 371 18.88 9.94 -29.25
CA ASP B 371 20.08 10.41 -29.91
C ASP B 371 19.83 11.74 -30.60
N GLN B 372 18.82 12.48 -30.13
CA GLN B 372 18.35 13.68 -30.80
C GLN B 372 18.85 14.96 -30.16
N TYR B 373 18.79 15.07 -28.84
CA TYR B 373 19.13 16.31 -28.15
C TYR B 373 19.91 16.02 -26.89
N LEU B 374 20.72 17.00 -26.49
CA LEU B 374 21.42 16.99 -25.21
C LEU B 374 20.96 18.20 -24.42
N TYR B 375 20.38 17.97 -23.24
CA TYR B 375 19.91 19.03 -22.37
C TYR B 375 20.84 19.22 -21.18
N ARG B 376 21.26 20.47 -20.96
CA ARG B 376 21.97 20.86 -19.74
C ARG B 376 20.96 21.39 -18.72
N LEU B 377 20.96 20.82 -17.52
CA LEU B 377 20.12 21.29 -16.43
C LEU B 377 21.02 21.87 -15.35
N GLN B 378 20.90 23.18 -15.12
CA GLN B 378 21.74 23.87 -14.16
C GLN B 378 20.94 24.16 -12.90
N TYR B 379 21.39 23.62 -11.78
CA TYR B 379 20.78 23.82 -10.48
C TYR B 379 21.38 25.06 -9.83
N ASN B 380 20.52 25.88 -9.21
CA ASN B 380 20.91 27.19 -8.68
C ASN B 380 20.40 27.37 -7.26
N GLN B 381 20.60 26.33 -6.44
CA GLN B 381 20.33 26.38 -5.00
C GLN B 381 18.85 26.68 -4.82
N GLY B 382 18.46 27.72 -4.09
CA GLY B 382 17.06 28.03 -3.89
C GLY B 382 16.40 28.79 -5.01
N ASN B 383 17.18 29.25 -5.99
CA ASN B 383 16.65 30.03 -7.09
C ASN B 383 16.25 29.13 -8.26
N GLU B 384 15.77 29.75 -9.34
CA GLU B 384 15.34 29.00 -10.51
C GLU B 384 16.51 28.29 -11.16
N GLY B 385 16.26 27.09 -11.65
CA GLY B 385 17.25 26.43 -12.49
C GLY B 385 17.25 27.04 -13.88
N VAL B 386 18.21 26.61 -14.69
CA VAL B 386 18.33 27.07 -16.07
C VAL B 386 18.56 25.85 -16.95
N THR B 387 17.94 25.84 -18.13
CA THR B 387 18.15 24.75 -19.06
C THR B 387 18.60 25.28 -20.41
N THR B 388 19.54 24.57 -21.02
CA THR B 388 19.95 24.80 -22.40
C THR B 388 20.01 23.45 -23.10
N ALA B 389 19.85 23.46 -24.41
CA ALA B 389 19.80 22.23 -25.17
C ALA B 389 20.67 22.36 -26.42
N TYR B 390 21.18 21.21 -26.87
CA TYR B 390 22.13 21.13 -27.98
C TYR B 390 21.70 20.00 -28.90
N GLU B 391 22.19 20.07 -30.14
CA GLU B 391 21.82 19.12 -31.18
C GLU B 391 22.90 19.16 -32.25
N LEU B 392 22.79 18.25 -33.22
CA LEU B 392 23.63 18.34 -34.41
C LEU B 392 22.92 19.20 -35.45
N ASN B 393 23.70 19.97 -36.21
CA ASN B 393 23.12 20.75 -37.29
C ASN B 393 23.11 19.92 -38.58
N THR B 394 22.66 20.55 -39.66
CA THR B 394 22.50 19.86 -40.94
C THR B 394 23.84 19.31 -41.46
N ASN B 395 24.94 19.99 -41.14
CA ASN B 395 26.26 19.56 -41.58
C ASN B 395 26.88 18.52 -40.66
N GLY B 396 26.25 18.24 -39.52
CA GLY B 396 26.79 17.30 -38.56
C GLY B 396 27.62 17.89 -37.44
N GLY B 397 27.60 19.22 -37.27
CA GLY B 397 28.31 19.84 -36.17
C GLY B 397 27.42 20.06 -34.96
N ILE B 398 28.05 20.11 -33.78
CA ILE B 398 27.32 20.38 -32.55
C ILE B 398 26.87 21.83 -32.53
N ALA B 399 25.61 22.06 -32.21
CA ALA B 399 25.05 23.40 -32.17
C ALA B 399 24.20 23.54 -30.92
N LYS B 400 24.02 24.78 -30.49
CA LYS B 400 23.09 25.11 -29.43
C LYS B 400 21.73 25.41 -30.03
N ARG B 401 20.68 24.88 -29.39
CA ARG B 401 19.32 25.23 -29.78
C ARG B 401 18.96 26.63 -29.29
N SER B 402 17.94 27.21 -29.92
CA SER B 402 17.62 28.61 -29.67
C SER B 402 17.10 28.85 -28.26
N ASN B 403 16.23 27.98 -27.75
CA ASN B 403 15.50 28.29 -26.51
C ASN B 403 16.36 27.98 -25.28
N GLU B 404 16.39 28.94 -24.34
CA GLU B 404 17.12 28.80 -23.08
C GLU B 404 16.25 29.30 -21.94
N TYR B 405 15.94 28.43 -20.99
CA TYR B 405 14.88 28.72 -20.04
C TYR B 405 15.40 28.75 -18.60
N THR B 406 14.77 29.60 -17.79
CA THR B 406 14.75 29.38 -16.35
C THR B 406 13.57 28.45 -16.06
N ILE B 407 13.75 27.57 -15.09
CA ILE B 407 12.72 26.62 -14.72
C ILE B 407 12.62 26.62 -13.20
N THR B 408 11.45 26.19 -12.72
CA THR B 408 11.30 25.93 -11.29
C THR B 408 12.46 25.08 -10.80
N ARG B 409 12.96 25.42 -9.62
CA ARG B 409 14.01 24.64 -8.97
C ARG B 409 13.71 23.15 -9.09
N PHE B 410 14.72 22.37 -9.48
CA PHE B 410 14.55 20.94 -9.68
C PHE B 410 15.42 20.15 -8.71
N THR B 411 14.87 19.04 -8.23
CA THR B 411 15.62 18.09 -7.45
C THR B 411 15.56 16.69 -8.06
N THR B 412 14.84 16.52 -9.17
CA THR B 412 14.84 15.26 -9.90
C THR B 412 14.40 15.55 -11.33
N TYR B 413 14.66 14.60 -12.23
CA TYR B 413 14.23 14.72 -13.61
C TYR B 413 14.10 13.34 -14.23
N GLY B 414 13.44 13.31 -15.37
CA GLY B 414 13.34 12.10 -16.15
C GLY B 414 12.68 12.41 -17.47
N ILE B 415 12.21 11.37 -18.14
CA ILE B 415 11.69 11.50 -19.49
C ILE B 415 10.40 10.70 -19.63
N PHE B 416 9.40 11.30 -20.29
CA PHE B 416 8.23 10.58 -20.76
C PHE B 416 7.82 11.12 -22.12
N GLY B 417 7.59 10.23 -23.08
CA GLY B 417 7.13 10.69 -24.39
C GLY B 417 8.11 11.68 -25.00
N GLU B 418 7.60 12.82 -25.45
CA GLU B 418 8.41 13.88 -26.05
C GLU B 418 8.79 14.96 -25.03
N ASN B 419 8.88 14.59 -23.75
CA ASN B 419 9.11 15.57 -22.69
C ASN B 419 10.24 15.14 -21.79
N ILE B 420 11.15 16.07 -21.50
CA ILE B 420 11.96 16.01 -20.31
C ILE B 420 11.16 16.64 -19.18
N ILE B 421 11.04 15.94 -18.07
CA ILE B 421 10.21 16.39 -16.95
C ILE B 421 11.11 16.57 -15.74
N SER B 422 11.03 17.73 -15.10
CA SER B 422 11.75 17.98 -13.87
C SER B 422 10.76 18.34 -12.78
N SER B 423 11.17 18.12 -11.53
CA SER B 423 10.26 18.32 -10.42
C SER B 423 11.03 18.74 -9.17
N SER B 424 10.31 19.37 -8.24
CA SER B 424 10.79 19.54 -6.87
C SER B 424 9.61 19.86 -5.96
N ALA B 425 9.86 19.76 -4.65
CA ALA B 425 8.90 20.19 -3.65
C ALA B 425 9.00 21.70 -3.45
N VAL B 426 7.88 22.41 -3.62
CA VAL B 426 7.87 23.87 -3.58
C VAL B 426 6.88 24.35 -2.54
N ASP B 427 7.00 25.63 -2.18
CA ASP B 427 5.96 26.34 -1.43
C ASP B 427 5.02 27.03 -2.42
N ALA B 428 3.73 26.94 -2.14
CA ALA B 428 2.73 27.65 -2.91
C ALA B 428 1.51 27.88 -2.04
N THR B 429 0.71 28.87 -2.41
CA THR B 429 -0.54 29.15 -1.74
C THR B 429 -1.66 28.31 -2.36
N PHE B 430 -2.38 27.57 -1.52
CA PHE B 430 -3.50 26.74 -1.95
C PHE B 430 -4.77 27.20 -1.26
N THR B 431 -5.89 27.02 -1.94
CA THR B 431 -7.18 27.08 -1.25
C THR B 431 -7.26 25.93 -0.27
N ASP B 432 -7.72 26.21 0.95
CA ASP B 432 -7.80 25.19 1.99
C ASP B 432 -8.95 24.25 1.71
N LEU B 433 -8.68 22.95 1.79
CA LEU B 433 -9.71 21.94 1.56
C LEU B 433 -10.74 21.94 2.70
C1 CIT C . -25.91 6.19 -0.83
O1 CIT C . -25.67 6.00 -2.06
O2 CIT C . -25.26 6.92 -0.06
C2 CIT C . -27.12 5.45 -0.23
C3 CIT C . -28.39 6.29 -0.12
O7 CIT C . -28.77 6.61 -1.44
C4 CIT C . -29.54 5.53 0.54
C5 CIT C . -30.87 6.33 0.56
O3 CIT C . -31.91 5.74 0.28
O4 CIT C . -30.79 7.56 0.86
C6 CIT C . -28.04 7.55 0.76
O5 CIT C . -27.86 7.33 1.98
O6 CIT C . -27.96 8.66 0.18
FE FE D . -22.61 -22.00 1.59
O6 EB4 E . -20.54 -21.89 1.28
O4 EB4 E . -22.40 -20.32 2.84
O5 EB4 E . -22.71 -20.88 -0.13
N1 EB4 E . -26.29 -23.44 3.75
C5 EB4 E . -23.20 -21.63 -1.19
C4 EB4 E . -23.31 -20.40 3.89
C1 EB4 E . -24.30 -21.35 3.84
C2 EB4 E . -23.68 -22.89 -0.92
C6 EB4 E . -19.89 -22.97 1.88
C8 EB4 E . -23.24 -21.12 -2.47
N2 EB4 E . -24.80 -25.47 -0.27
C9 EB4 E . -18.51 -23.11 1.87
C10 EB4 E . -24.08 -19.66 6.02
O3 EB4 E . -22.03 -23.71 2.53
N3 EB4 E . -22.39 -25.97 3.73
C16 EB4 E . -25.21 -21.45 4.87
C7 EB4 E . -23.18 -19.56 4.98
C3 EB4 E . -20.66 -23.93 2.52
C11 EB4 E . -23.77 -21.90 -3.49
O1 EB4 E . -24.35 -22.16 2.70
O2 EB4 E . -23.61 -23.37 0.39
C12 EB4 E . -17.92 -24.21 2.48
C15 EB4 E . -18.70 -25.16 3.10
C14 EB4 E . -24.26 -23.17 -3.24
C13 EB4 E . -25.09 -20.61 5.97
O7 EB4 E . -27.01 -22.67 5.79
C19 EB4 E . -26.27 -22.53 4.86
C22 EB4 E . -27.23 -24.55 3.74
C25 EB4 E . -26.37 -25.69 4.27
O10 EB4 E . -26.83 -26.77 4.44
O15 EB4 E . -25.02 -25.44 4.57
C30 EB4 E . -24.36 -26.49 5.17
C24 EB4 E . -23.25 -27.02 4.25
C21 EB4 E . -20.94 -26.10 3.78
C18 EB4 E . -20.08 -25.02 3.15
O9 EB4 E . -20.43 -27.08 4.23
C27 EB4 E . -23.83 -27.75 3.04
O12 EB4 E . -24.20 -28.87 3.08
C28 EB4 E . -27.75 -24.89 2.35
O13 EB4 E . -26.68 -25.09 1.47
C26 EB4 E . -26.55 -26.40 1.04
O11 EB4 E . -27.30 -27.23 1.43
C23 EB4 E . -25.43 -26.74 0.06
C29 EB4 E . -24.46 -27.70 0.74
O14 EB4 E . -23.91 -27.03 1.85
C20 EB4 E . -24.77 -25.03 -1.64
O8 EB4 E . -25.28 -25.66 -2.50
C17 EB4 E . -24.18 -23.67 -1.94
S DMS F . -26.25 -26.52 8.53
O DMS F . -26.43 -25.36 7.58
C1 DMS F . -27.17 -27.88 7.81
C2 DMS F . -27.27 -26.21 9.97
NA NA G . -11.99 -30.29 -5.78
S SO4 H . 34.92 -8.18 -4.90
O1 SO4 H . 33.62 -8.88 -5.18
O2 SO4 H . 35.53 -7.70 -6.19
O3 SO4 H . 34.63 -7.01 -4.00
O4 SO4 H . 35.86 -9.13 -4.22
FE FE I . 22.93 22.40 -2.58
O6 EB4 J . 21.04 23.15 -2.46
O4 EB4 J . 22.25 21.12 -1.07
O5 EB4 J . 22.38 21.00 -4.01
N1 EB4 J . 27.21 22.16 -1.27
C5 EB4 J . 23.30 20.97 -5.05
C4 EB4 J . 23.31 20.64 -0.30
C1 EB4 J . 24.58 21.06 -0.63
C2 EB4 J . 24.18 22.03 -5.15
C6 EB4 J . 21.01 24.42 -1.89
C8 EB4 J . 23.31 19.96 -5.96
N2 EB4 J . 26.16 24.18 -5.25
C9 EB4 J . 19.82 25.09 -1.63
C10 EB4 J . 24.22 19.33 1.50
O3 EB4 J . 23.37 24.27 -1.90
N3 EB4 J . 24.81 26.23 -1.18
C16 EB4 J . 25.68 20.61 0.08
C7 EB4 J . 23.13 19.76 0.77
C3 EB4 J . 22.23 25.01 -1.60
C11 EB4 J . 24.23 19.96 -7.00
O1 EB4 J . 24.69 21.92 -1.71
O2 EB4 J . 24.10 23.05 -4.19
C12 EB4 J . 19.86 26.37 -1.08
C15 EB4 J . 21.08 26.94 -0.78
C14 EB4 J . 25.13 21.01 -7.10
C13 EB4 J . 25.50 19.76 1.16
O7 EB4 J . 28.01 20.79 0.37
C19 EB4 J . 27.07 21.15 -0.26
C22 EB4 J . 28.52 22.74 -1.52
C25 EB4 J . 28.36 24.17 -1.00
O10 EB4 J . 29.29 24.88 -0.84
O15 EB4 J . 27.07 24.63 -0.70
C30 EB4 J . 27.00 25.92 -0.12
C24 EB4 J . 26.13 26.82 -0.99
C21 EB4 J . 23.62 26.93 -0.77
C18 EB4 J . 22.27 26.27 -1.04
O9 EB4 J . 23.69 28.01 -0.30
C27 EB4 J . 26.76 26.95 -2.36
O12 EB4 J . 27.73 27.60 -2.51
C28 EB4 J . 28.93 22.75 -3.00
O13 EB4 J . 27.93 23.44 -3.71
C26 EB4 J . 28.27 24.62 -4.38
O11 EB4 J . 29.32 25.12 -4.25
C23 EB4 J . 27.18 25.20 -5.29
C29 EB4 J . 26.68 26.53 -4.72
O14 EB4 J . 26.19 26.27 -3.44
C20 EB4 J . 26.11 23.16 -6.29
O8 EB4 J . 26.90 23.14 -7.18
C17 EB4 J . 25.09 22.05 -6.18
#